data_8Q5T
#
_entry.id   8Q5T
#
_cell.length_a   52.821
_cell.length_b   83.984
_cell.length_c   116.598
_cell.angle_alpha   90.00
_cell.angle_beta   91.14
_cell.angle_gamma   90.00
#
_symmetry.space_group_name_H-M   'P 1 21 1'
#
loop_
_entity.id
_entity.type
_entity.pdbx_description
1 polymer 'Nitrogenase iron protein 1'
2 non-polymer GLYCEROL
3 non-polymer 'IRON/SULFUR CLUSTER'
4 water water
#
_entity_poly.entity_id   1
_entity_poly.type   'polypeptide(L)'
_entity_poly.pdbx_seq_one_letter_code
;MSFDEIAPDAKKVAIYGKGGIGKSTTTQNTAAALAYFFDKKVMIHGCDPKADSTRMILHGKPQDTVMDVLREEGEEAVTL
EKVRKIGFKDILCVESGGPEPGVGCAGRGVITAVDMMRELEGYPDDLDNLFFDVLGDVVCGGFAMPLRDGLAQEIYIVTS
GEMMALYAANNIAKGILKYAEQSGVRLGGIICNARNVDGEKELMDEFCDKLGTKLIHYVPRDNIVQKAEFNKMTVIEFDP
ECNQAKEYRTLAKNIDENDELVKPTPMTMDELEELVVKYGLIDL
;
_entity_poly.pdbx_strand_id   A,B,C,D
#
# COMPACT_ATOMS: atom_id res chain seq x y z
N SER A 2 -0.24 -4.97 4.14
CA SER A 2 0.69 -3.97 3.64
C SER A 2 2.08 -4.16 4.23
N PHE A 3 3.11 -3.81 3.47
CA PHE A 3 4.49 -3.99 3.91
C PHE A 3 4.98 -2.84 4.80
N ASP A 4 4.19 -1.78 4.92
CA ASP A 4 4.56 -0.66 5.82
C ASP A 4 4.55 -1.18 7.26
N GLU A 5 3.95 -2.35 7.52
CA GLU A 5 3.99 -2.96 8.84
C GLU A 5 5.41 -3.24 9.28
N ILE A 6 6.27 -3.63 8.34
CA ILE A 6 7.57 -4.19 8.67
C ILE A 6 8.44 -3.12 9.31
N ALA A 7 9.01 -3.45 10.48
CA ALA A 7 9.98 -2.61 11.18
C ALA A 7 9.55 -1.15 11.16
N PRO A 8 8.49 -0.79 11.88
CA PRO A 8 7.93 0.56 11.73
C PRO A 8 8.88 1.67 12.19
N ASP A 9 9.71 1.42 13.21
CA ASP A 9 10.61 2.44 13.72
C ASP A 9 11.95 2.48 13.00
N ALA A 10 12.18 1.59 12.05
CA ALA A 10 13.46 1.48 11.38
C ALA A 10 13.47 2.27 10.07
N LYS A 11 14.69 2.55 9.62
CA LYS A 11 14.87 3.15 8.28
C LYS A 11 14.90 1.90 7.41
N LYS A 12 13.91 1.70 6.56
CA LYS A 12 13.79 0.54 5.69
C LYS A 12 14.39 0.97 4.36
N VAL A 13 15.30 0.16 3.84
CA VAL A 13 16.11 0.53 2.69
C VAL A 13 16.28 -0.69 1.81
N ALA A 14 16.13 -0.49 0.50
CA ALA A 14 16.49 -1.49 -0.50
C ALA A 14 17.73 -1.01 -1.24
N ILE A 15 18.67 -1.93 -1.45
CA ILE A 15 19.91 -1.65 -2.15
C ILE A 15 19.93 -2.48 -3.42
N TYR A 16 19.79 -1.82 -4.56
CA TYR A 16 19.86 -2.45 -5.87
C TYR A 16 21.23 -2.23 -6.48
N GLY A 17 21.62 -3.13 -7.39
CA GLY A 17 22.88 -2.99 -8.09
C GLY A 17 23.25 -4.17 -8.97
N LYS A 18 24.12 -3.92 -9.93
CA LYS A 18 24.71 -4.98 -10.74
C LYS A 18 25.54 -5.90 -9.84
N GLY A 19 25.73 -7.13 -10.31
CA GLY A 19 26.61 -8.06 -9.64
C GLY A 19 28.08 -7.74 -9.92
N GLY A 20 28.96 -8.41 -9.18
CA GLY A 20 30.42 -8.26 -9.42
C GLY A 20 30.96 -6.87 -9.15
N ILE A 21 30.26 -6.06 -8.36
CA ILE A 21 30.71 -4.65 -8.13
C ILE A 21 30.82 -4.40 -6.62
N GLY A 22 30.56 -5.41 -5.79
CA GLY A 22 30.73 -5.20 -4.36
C GLY A 22 29.52 -4.68 -3.63
N LYS A 23 28.33 -4.83 -4.23
CA LYS A 23 27.11 -4.35 -3.58
C LYS A 23 26.90 -5.01 -2.23
N SER A 24 26.99 -6.34 -2.17
CA SER A 24 26.79 -7.03 -0.90
C SER A 24 27.86 -6.65 0.10
N THR A 25 29.10 -6.51 -0.35
CA THR A 25 30.16 -6.06 0.54
C THR A 25 29.77 -4.73 1.19
N THR A 26 29.31 -3.77 0.38
CA THR A 26 28.99 -2.46 0.90
C THR A 26 27.78 -2.51 1.83
N THR A 27 26.76 -3.29 1.47
CA THR A 27 25.60 -3.41 2.33
C THR A 27 25.99 -3.96 3.71
N GLN A 28 26.82 -5.02 3.72
CA GLN A 28 27.16 -5.65 5.00
C GLN A 28 28.08 -4.74 5.83
N ASN A 29 29.01 -4.04 5.18
CA ASN A 29 29.88 -3.15 5.93
C ASN A 29 29.11 -1.93 6.44
N THR A 30 28.17 -1.42 5.64
CA THR A 30 27.30 -0.36 6.12
C THR A 30 26.49 -0.83 7.33
N ALA A 31 25.94 -2.04 7.26
CA ALA A 31 25.21 -2.58 8.40
C ALA A 31 26.13 -2.75 9.60
N ALA A 32 27.34 -3.26 9.38
CA ALA A 32 28.27 -3.46 10.49
C ALA A 32 28.66 -2.13 11.13
N ALA A 33 28.86 -1.10 10.31
CA ALA A 33 29.16 0.23 10.85
C ALA A 33 28.03 0.73 11.75
N LEU A 34 26.78 0.63 11.27
CA LEU A 34 25.65 1.09 12.06
C LEU A 34 25.64 0.44 13.44
N ALA A 35 25.76 -0.88 13.48
CA ALA A 35 25.69 -1.59 14.75
C ALA A 35 26.93 -1.32 15.60
N TYR A 36 28.11 -1.29 14.97
CA TYR A 36 29.35 -1.16 15.75
C TYR A 36 29.50 0.25 16.29
N PHE A 37 29.32 1.26 15.43
CA PHE A 37 29.62 2.64 15.81
C PHE A 37 28.45 3.33 16.50
N PHE A 38 27.22 3.01 16.13
CA PHE A 38 26.04 3.72 16.62
C PHE A 38 25.10 2.84 17.41
N ASP A 39 25.51 1.63 17.78
CA ASP A 39 24.71 0.72 18.60
C ASP A 39 23.32 0.55 18.01
N LYS A 40 23.24 0.53 16.69
CA LYS A 40 21.96 0.32 16.01
C LYS A 40 21.59 -1.16 16.02
N LYS A 41 20.30 -1.43 16.13
CA LYS A 41 19.75 -2.76 15.90
C LYS A 41 19.49 -2.90 14.40
N VAL A 42 20.31 -3.69 13.73
CA VAL A 42 20.35 -3.76 12.28
C VAL A 42 19.99 -5.17 11.84
N MET A 43 19.35 -5.27 10.67
CA MET A 43 18.98 -6.55 10.10
C MET A 43 19.14 -6.47 8.58
N ILE A 44 19.60 -7.57 7.99
CA ILE A 44 19.82 -7.69 6.55
C ILE A 44 18.96 -8.82 6.03
N HIS A 45 18.20 -8.53 4.97
CA HIS A 45 17.37 -9.57 4.30
C HIS A 45 17.90 -9.71 2.87
N GLY A 46 18.60 -10.81 2.58
CA GLY A 46 19.19 -11.01 1.27
C GLY A 46 18.12 -11.31 0.23
N CYS A 47 18.12 -10.52 -0.85
CA CYS A 47 17.20 -10.70 -1.95
C CYS A 47 17.92 -10.91 -3.27
N ASP A 48 19.19 -11.34 -3.18
CA ASP A 48 19.99 -11.60 -4.40
C ASP A 48 20.27 -13.10 -4.49
N PRO A 49 19.59 -13.86 -5.39
CA PRO A 49 19.78 -15.31 -5.45
C PRO A 49 21.16 -15.62 -6.01
N LYS A 50 21.82 -14.61 -6.60
CA LYS A 50 23.15 -14.83 -7.25
C LYS A 50 24.26 -14.26 -6.36
N ALA A 51 23.93 -13.73 -5.18
CA ALA A 51 24.95 -13.08 -4.33
C ALA A 51 24.73 -13.42 -2.86
N ASP A 52 25.78 -13.76 -2.12
CA ASP A 52 25.64 -13.99 -0.66
C ASP A 52 25.59 -12.63 0.03
N SER A 53 24.50 -12.34 0.74
CA SER A 53 24.33 -11.03 1.36
C SER A 53 24.64 -11.01 2.85
N THR A 54 24.93 -12.15 3.46
CA THR A 54 25.12 -12.22 4.90
C THR A 54 26.37 -12.98 5.33
N ARG A 55 27.13 -13.51 4.37
CA ARG A 55 28.32 -14.35 4.72
C ARG A 55 29.28 -13.56 5.62
N MET A 56 29.51 -12.28 5.33
CA MET A 56 30.50 -11.48 6.10
C MET A 56 30.02 -11.22 7.54
N ILE A 57 28.70 -11.24 7.76
CA ILE A 57 28.17 -11.01 9.10
C ILE A 57 28.17 -12.28 9.92
N LEU A 58 28.06 -13.43 9.24
CA LEU A 58 27.99 -14.75 9.94
C LEU A 58 29.33 -15.48 9.84
N HIS A 59 30.42 -14.74 9.65
CA HIS A 59 31.80 -15.32 9.71
C HIS A 59 31.96 -16.50 8.73
N GLY A 60 31.33 -16.42 7.56
CA GLY A 60 31.58 -17.47 6.55
C GLY A 60 30.68 -18.68 6.69
N LYS A 61 29.65 -18.58 7.53
CA LYS A 61 28.78 -19.76 7.79
C LYS A 61 27.56 -19.67 6.88
N PRO A 62 27.48 -20.45 5.78
CA PRO A 62 26.37 -20.35 4.84
C PRO A 62 25.01 -20.43 5.54
N GLN A 63 24.03 -19.63 5.09
CA GLN A 63 22.72 -19.57 5.79
C GLN A 63 21.61 -20.25 4.99
N ASP A 64 20.81 -21.11 5.63
CA ASP A 64 19.68 -21.75 4.98
C ASP A 64 18.71 -20.66 4.51
N THR A 65 18.33 -20.72 3.23
CA THR A 65 17.47 -19.70 2.64
C THR A 65 16.00 -20.06 2.89
N VAL A 66 15.16 -19.02 2.94
CA VAL A 66 13.74 -19.23 3.22
C VAL A 66 13.13 -20.13 2.16
N MET A 67 13.38 -19.82 0.89
CA MET A 67 12.72 -20.55 -0.18
C MET A 67 13.18 -22.01 -0.24
N ASP A 68 14.45 -22.28 0.06
CA ASP A 68 14.90 -23.67 0.10
C ASP A 68 14.17 -24.43 1.20
N VAL A 69 14.12 -23.85 2.40
CA VAL A 69 13.44 -24.52 3.52
C VAL A 69 11.95 -24.67 3.22
N LEU A 70 11.36 -23.68 2.54
CA LEU A 70 9.93 -23.76 2.25
C LEU A 70 9.64 -24.88 1.24
N ARG A 71 10.50 -25.03 0.23
CA ARG A 71 10.20 -25.96 -0.85
C ARG A 71 10.53 -27.40 -0.47
N GLU A 72 11.66 -27.61 0.19
CA GLU A 72 12.13 -28.96 0.48
C GLU A 72 11.67 -29.49 1.83
N GLU A 73 11.12 -28.63 2.69
CA GLU A 73 10.66 -29.04 4.00
C GLU A 73 9.20 -28.71 4.27
N GLY A 74 8.68 -27.64 3.68
CA GLY A 74 7.29 -27.26 3.84
C GLY A 74 7.14 -25.98 4.65
N GLU A 75 5.91 -25.48 4.66
CA GLU A 75 5.60 -24.26 5.39
C GLU A 75 5.83 -24.42 6.88
N GLU A 76 5.49 -25.59 7.43
CA GLU A 76 5.64 -25.81 8.87
C GLU A 76 7.09 -25.67 9.29
N ALA A 77 7.99 -26.26 8.49
CA ALA A 77 9.42 -26.30 8.85
C ALA A 77 10.03 -24.89 8.95
N VAL A 78 9.59 -23.95 8.11
CA VAL A 78 10.26 -22.62 8.13
C VAL A 78 10.01 -22.03 9.52
N THR A 79 11.08 -21.85 10.29
CA THR A 79 10.95 -21.27 11.67
C THR A 79 11.99 -20.16 11.78
N LEU A 80 11.75 -19.18 12.66
CA LEU A 80 12.73 -18.12 12.87
C LEU A 80 14.11 -18.71 13.15
N GLU A 81 14.16 -19.78 13.95
CA GLU A 81 15.45 -20.36 14.31
C GLU A 81 16.22 -20.82 13.06
N LYS A 82 15.52 -21.38 12.08
CA LYS A 82 16.21 -21.97 10.94
C LYS A 82 16.65 -20.93 9.93
N VAL A 83 15.85 -19.88 9.71
CA VAL A 83 16.10 -18.94 8.63
C VAL A 83 16.66 -17.60 9.11
N ARG A 84 16.54 -17.26 10.39
CA ARG A 84 17.01 -15.99 10.90
C ARG A 84 18.20 -16.23 11.83
N LYS A 85 19.36 -15.70 11.43
CA LYS A 85 20.60 -15.92 12.16
C LYS A 85 21.13 -14.60 12.70
N ILE A 86 21.97 -14.72 13.72
CA ILE A 86 22.56 -13.57 14.41
C ILE A 86 24.06 -13.64 14.22
N GLY A 87 24.65 -12.52 13.80
CA GLY A 87 26.08 -12.44 13.54
C GLY A 87 26.72 -11.27 14.25
N PHE A 88 27.68 -10.65 13.57
CA PHE A 88 28.47 -9.58 14.17
C PHE A 88 27.57 -8.50 14.76
N LYS A 89 27.84 -8.16 16.02
CA LYS A 89 27.13 -7.10 16.74
C LYS A 89 25.61 -7.27 16.63
N ASP A 90 25.17 -8.51 16.72
CA ASP A 90 23.74 -8.86 16.81
C ASP A 90 22.96 -8.44 15.57
N ILE A 91 23.64 -8.39 14.42
CA ILE A 91 22.96 -8.10 13.17
C ILE A 91 22.18 -9.34 12.73
N LEU A 92 20.87 -9.20 12.59
CA LEU A 92 20.02 -10.31 12.19
C LEU A 92 20.14 -10.54 10.69
N CYS A 93 20.09 -11.80 10.28
CA CYS A 93 20.36 -12.18 8.90
C CYS A 93 19.33 -13.18 8.40
N VAL A 94 18.84 -12.95 7.19
CA VAL A 94 17.92 -13.86 6.52
C VAL A 94 18.21 -13.80 5.03
N GLU A 95 18.07 -14.95 4.36
CA GLU A 95 18.30 -15.06 2.92
C GLU A 95 17.03 -15.56 2.24
N SER A 96 16.56 -14.82 1.24
CA SER A 96 15.32 -15.20 0.52
C SER A 96 15.55 -16.53 -0.22
N GLY A 97 16.64 -16.64 -0.96
CA GLY A 97 16.93 -17.83 -1.74
C GLY A 97 16.58 -17.65 -3.21
N GLY A 98 16.84 -18.71 -3.97
CA GLY A 98 16.58 -18.71 -5.39
C GLY A 98 15.27 -19.39 -5.72
N PRO A 99 14.94 -19.44 -7.01
CA PRO A 99 13.67 -20.03 -7.43
C PRO A 99 13.73 -21.54 -7.58
N GLU A 100 12.55 -22.13 -7.57
CA GLU A 100 12.41 -23.52 -7.99
C GLU A 100 12.74 -23.60 -9.48
N PRO A 101 13.69 -24.45 -9.88
CA PRO A 101 14.16 -24.42 -11.28
C PRO A 101 13.03 -24.57 -12.29
N GLY A 102 12.95 -23.61 -13.21
CA GLY A 102 12.02 -23.66 -14.32
C GLY A 102 10.62 -23.17 -14.02
N VAL A 103 10.31 -22.91 -12.75
CA VAL A 103 8.91 -22.54 -12.40
C VAL A 103 8.93 -21.29 -11.52
N GLY A 104 9.70 -21.30 -10.44
CA GLY A 104 9.70 -20.17 -9.49
C GLY A 104 10.18 -18.87 -10.09
N CYS A 105 9.57 -17.75 -9.70
CA CYS A 105 10.05 -16.42 -10.13
C CYS A 105 10.97 -15.88 -9.02
N ALA A 106 12.24 -15.67 -9.33
CA ALA A 106 13.21 -15.23 -8.30
C ALA A 106 12.68 -14.00 -7.56
N GLY A 107 12.04 -13.07 -8.27
CA GLY A 107 11.56 -11.86 -7.61
C GLY A 107 10.34 -12.12 -6.75
N ARG A 108 9.44 -12.97 -7.24
CA ARG A 108 8.24 -13.32 -6.44
C ARG A 108 8.67 -14.09 -5.18
N GLY A 109 9.75 -14.86 -5.27
CA GLY A 109 10.20 -15.61 -4.11
C GLY A 109 10.69 -14.70 -2.99
N VAL A 110 11.32 -13.59 -3.36
CA VAL A 110 11.70 -12.59 -2.36
C VAL A 110 10.48 -12.10 -1.60
N ILE A 111 9.40 -11.81 -2.34
CA ILE A 111 8.15 -11.38 -1.71
C ILE A 111 7.61 -12.51 -0.81
N THR A 112 7.68 -13.75 -1.29
CA THR A 112 7.28 -14.87 -0.46
C THR A 112 8.15 -14.98 0.78
N ALA A 113 9.47 -14.83 0.61
CA ALA A 113 10.37 -14.85 1.76
C ALA A 113 9.96 -13.79 2.79
N VAL A 114 9.75 -12.56 2.33
CA VAL A 114 9.39 -11.49 3.26
C VAL A 114 8.06 -11.79 3.93
N ASP A 115 7.06 -12.22 3.15
CA ASP A 115 5.76 -12.54 3.72
C ASP A 115 5.90 -13.57 4.83
N MET A 116 6.67 -14.62 4.57
CA MET A 116 6.89 -15.68 5.59
C MET A 116 7.55 -15.04 6.82
N MET A 117 8.62 -14.27 6.60
CA MET A 117 9.27 -13.58 7.70
C MET A 117 8.26 -12.78 8.52
N ARG A 118 7.34 -12.09 7.84
CA ARG A 118 6.35 -11.29 8.56
C ARG A 118 5.42 -12.18 9.37
N GLU A 119 4.99 -13.31 8.81
CA GLU A 119 4.09 -14.20 9.54
C GLU A 119 4.77 -14.80 10.76
N LEU A 120 6.10 -14.93 10.71
CA LEU A 120 6.88 -15.51 11.83
C LEU A 120 7.34 -14.41 12.79
N GLU A 121 6.82 -13.19 12.63
CA GLU A 121 7.24 -12.04 13.47
C GLU A 121 8.78 -12.00 13.54
N GLY A 122 9.44 -12.13 12.39
CA GLY A 122 10.91 -12.13 12.35
C GLY A 122 11.51 -10.74 12.18
N TYR A 123 10.68 -9.72 11.99
CA TYR A 123 11.19 -8.33 11.90
C TYR A 123 10.94 -7.61 13.24
N PRO A 124 11.94 -7.55 14.14
CA PRO A 124 11.74 -6.95 15.47
C PRO A 124 11.23 -5.50 15.38
N ASP A 125 10.25 -5.15 16.23
CA ASP A 125 9.73 -3.79 16.22
C ASP A 125 10.80 -2.77 16.56
N ASP A 126 11.78 -3.15 17.38
CA ASP A 126 12.85 -2.24 17.79
C ASP A 126 13.98 -2.15 16.79
N LEU A 127 13.80 -2.63 15.56
CA LEU A 127 14.84 -2.49 14.56
C LEU A 127 15.12 -1.01 14.30
N ASP A 128 16.40 -0.68 14.19
CA ASP A 128 16.81 0.67 13.80
C ASP A 128 17.00 0.79 12.30
N ASN A 129 17.47 -0.29 11.66
CA ASN A 129 17.79 -0.26 10.24
C ASN A 129 17.53 -1.64 9.66
N LEU A 130 16.82 -1.68 8.53
CA LEU A 130 16.57 -2.91 7.79
C LEU A 130 17.07 -2.73 6.37
N PHE A 131 17.79 -3.74 5.87
CA PHE A 131 18.38 -3.70 4.54
C PHE A 131 17.86 -4.86 3.72
N PHE A 132 17.34 -4.56 2.54
CA PHE A 132 17.07 -5.56 1.51
C PHE A 132 18.13 -5.43 0.43
N ASP A 133 18.95 -6.47 0.28
CA ASP A 133 20.04 -6.49 -0.70
C ASP A 133 19.50 -7.18 -1.95
N VAL A 134 19.17 -6.38 -2.97
CA VAL A 134 18.41 -6.86 -4.12
C VAL A 134 19.29 -6.91 -5.35
N LEU A 135 19.06 -7.92 -6.18
CA LEU A 135 19.75 -8.02 -7.46
C LEU A 135 19.21 -7.00 -8.45
N GLY A 136 20.12 -6.30 -9.12
CA GLY A 136 19.74 -5.31 -10.11
C GLY A 136 20.38 -5.54 -11.46
N ASP A 137 20.78 -6.79 -11.73
CA ASP A 137 21.41 -7.12 -13.04
C ASP A 137 20.40 -6.86 -14.16
N VAL A 138 19.26 -7.55 -14.12
CA VAL A 138 18.18 -7.34 -15.12
C VAL A 138 16.95 -6.83 -14.38
N VAL A 139 16.40 -5.68 -14.79
CA VAL A 139 15.23 -5.10 -14.08
C VAL A 139 13.95 -5.69 -14.67
N CYS A 140 13.74 -7.00 -14.48
CA CYS A 140 12.50 -7.63 -14.96
C CYS A 140 11.40 -7.34 -13.93
N GLY A 141 10.14 -7.60 -14.29
CA GLY A 141 9.04 -7.40 -13.39
C GLY A 141 9.24 -8.10 -12.06
N GLY A 142 9.93 -9.23 -12.07
CA GLY A 142 10.15 -9.96 -10.82
C GLY A 142 10.95 -9.17 -9.81
N PHE A 143 12.10 -8.68 -10.23
CA PHE A 143 12.96 -7.94 -9.31
C PHE A 143 12.57 -6.47 -9.19
N ALA A 144 11.43 -6.12 -9.79
CA ALA A 144 10.88 -4.75 -9.62
C ALA A 144 9.72 -4.84 -8.63
N MET A 145 9.38 -6.07 -8.23
CA MET A 145 8.27 -6.32 -7.26
C MET A 145 8.52 -5.55 -5.97
N PRO A 146 9.71 -5.65 -5.35
CA PRO A 146 10.01 -4.90 -4.13
C PRO A 146 9.68 -3.41 -4.33
N LEU A 147 9.87 -2.90 -5.55
CA LEU A 147 9.61 -1.46 -5.83
C LEU A 147 8.10 -1.23 -5.97
N ARG A 148 7.39 -2.16 -6.63
CA ARG A 148 5.94 -1.98 -6.87
C ARG A 148 5.15 -2.41 -5.62
N ASP A 149 5.76 -3.21 -4.74
CA ASP A 149 5.06 -3.71 -3.53
C ASP A 149 5.35 -2.79 -2.34
N GLY A 150 6.27 -1.83 -2.51
CA GLY A 150 6.61 -0.94 -1.42
C GLY A 150 7.33 -1.61 -0.27
N LEU A 151 8.16 -2.61 -0.57
CA LEU A 151 8.96 -3.24 0.48
C LEU A 151 9.82 -2.20 1.19
N ALA A 152 10.37 -1.26 0.43
CA ALA A 152 11.06 -0.10 0.97
C ALA A 152 10.79 1.07 0.05
N GLN A 153 10.34 2.19 0.62
CA GLN A 153 10.14 3.40 -0.16
C GLN A 153 11.45 4.12 -0.45
N GLU A 154 12.53 3.78 0.24
CA GLU A 154 13.82 4.44 0.11
C GLU A 154 14.79 3.48 -0.56
N ILE A 155 15.20 3.81 -1.78
CA ILE A 155 16.02 2.94 -2.61
C ILE A 155 17.40 3.56 -2.76
N TYR A 156 18.42 2.71 -2.80
CA TYR A 156 19.79 3.13 -3.06
C TYR A 156 20.37 2.24 -4.16
N ILE A 157 21.12 2.86 -5.07
CA ILE A 157 21.70 2.16 -6.21
C ILE A 157 23.22 2.15 -6.05
N VAL A 158 23.80 0.96 -6.06
CA VAL A 158 25.25 0.80 -6.07
C VAL A 158 25.69 0.68 -7.51
N THR A 159 26.74 1.44 -7.87
CA THR A 159 27.34 1.35 -9.18
C THR A 159 28.85 1.58 -9.04
N SER A 160 29.55 1.55 -10.17
CA SER A 160 30.97 1.86 -10.20
C SER A 160 31.25 2.62 -11.49
N GLY A 161 32.51 2.66 -11.90
CA GLY A 161 32.93 3.38 -13.08
C GLY A 161 32.80 2.66 -14.40
N GLU A 162 32.36 1.40 -14.38
CA GLU A 162 32.21 0.60 -15.62
C GLU A 162 30.91 1.01 -16.33
N MET A 163 30.91 0.96 -17.67
CA MET A 163 29.71 1.28 -18.43
C MET A 163 28.52 0.46 -17.94
N MET A 164 28.69 -0.86 -17.86
CA MET A 164 27.58 -1.74 -17.51
C MET A 164 27.02 -1.44 -16.13
N ALA A 165 27.88 -1.03 -15.20
CA ALA A 165 27.39 -0.64 -13.87
C ALA A 165 26.52 0.61 -13.97
N LEU A 166 26.98 1.61 -14.71
CA LEU A 166 26.16 2.80 -14.91
C LEU A 166 24.92 2.48 -15.73
N TYR A 167 25.06 1.64 -16.75
CA TYR A 167 23.91 1.22 -17.54
C TYR A 167 22.86 0.55 -16.65
N ALA A 168 23.29 -0.43 -15.85
CA ALA A 168 22.37 -1.09 -14.93
C ALA A 168 21.77 -0.11 -13.94
N ALA A 169 22.58 0.85 -13.47
CA ALA A 169 22.07 1.84 -12.53
C ALA A 169 20.98 2.69 -13.16
N ASN A 170 21.15 3.05 -14.43
CA ASN A 170 20.11 3.81 -15.12
C ASN A 170 18.82 3.00 -15.24
N ASN A 171 18.95 1.71 -15.58
CA ASN A 171 17.76 0.87 -15.72
C ASN A 171 17.04 0.70 -14.40
N ILE A 172 17.78 0.60 -13.29
CA ILE A 172 17.14 0.55 -11.99
C ILE A 172 16.38 1.86 -11.73
N ALA A 173 17.00 2.98 -12.09
CA ALA A 173 16.30 4.26 -11.96
C ALA A 173 15.01 4.26 -12.76
N LYS A 174 15.00 3.58 -13.92
CA LYS A 174 13.76 3.46 -14.69
C LYS A 174 12.72 2.68 -13.91
N GLY A 175 13.14 1.61 -13.23
CA GLY A 175 12.19 0.81 -12.46
C GLY A 175 11.61 1.58 -11.28
N ILE A 176 12.43 2.40 -10.63
CA ILE A 176 11.92 3.22 -9.53
C ILE A 176 10.89 4.21 -10.05
N LEU A 177 11.24 4.93 -11.12
CA LEU A 177 10.33 5.94 -11.66
C LEU A 177 8.99 5.33 -12.04
N LYS A 178 9.00 4.12 -12.61
CA LYS A 178 7.74 3.51 -13.11
C LYS A 178 6.71 3.37 -11.99
N TYR A 179 7.14 2.92 -10.81
CA TYR A 179 6.24 2.70 -9.70
C TYR A 179 6.33 3.80 -8.64
N ALA A 180 7.08 4.87 -8.90
CA ALA A 180 7.25 5.92 -7.91
C ALA A 180 5.90 6.51 -7.51
N GLU A 181 5.02 6.75 -8.48
CA GLU A 181 3.70 7.29 -8.15
C GLU A 181 2.83 6.23 -7.49
N GLN A 182 2.86 5.00 -7.98
CA GLN A 182 1.92 3.99 -7.49
C GLN A 182 2.29 3.49 -6.10
N SER A 183 3.58 3.36 -5.82
CA SER A 183 4.04 2.78 -4.55
C SER A 183 4.74 3.77 -3.65
N GLY A 184 4.91 5.02 -4.06
CA GLY A 184 5.63 5.98 -3.25
C GLY A 184 7.11 5.71 -3.12
N VAL A 185 7.66 4.85 -3.97
CA VAL A 185 9.07 4.49 -3.90
C VAL A 185 9.91 5.62 -4.50
N ARG A 186 11.01 5.95 -3.83
CA ARG A 186 11.87 7.05 -4.22
C ARG A 186 13.33 6.59 -4.20
N LEU A 187 14.17 7.36 -4.90
CA LEU A 187 15.61 7.13 -4.93
C LEU A 187 16.28 8.07 -3.95
N GLY A 188 16.95 7.50 -2.95
CA GLY A 188 17.61 8.30 -1.94
C GLY A 188 19.01 8.73 -2.32
N GLY A 189 19.66 8.00 -3.21
CA GLY A 189 20.98 8.37 -3.67
C GLY A 189 21.68 7.23 -4.37
N ILE A 190 22.82 7.57 -4.96
CA ILE A 190 23.71 6.62 -5.62
C ILE A 190 24.89 6.35 -4.70
N ILE A 191 25.28 5.07 -4.59
CA ILE A 191 26.49 4.67 -3.91
C ILE A 191 27.49 4.21 -4.98
N CYS A 192 28.68 4.79 -4.96
CA CYS A 192 29.74 4.41 -5.89
C CYS A 192 30.78 3.57 -5.16
N ASN A 193 30.92 2.32 -5.58
CA ASN A 193 32.04 1.48 -5.18
C ASN A 193 33.15 1.71 -6.20
N ALA A 194 34.05 2.65 -5.88
CA ALA A 194 35.14 3.01 -6.80
C ALA A 194 35.91 1.76 -7.26
N ARG A 195 36.05 1.59 -8.57
CA ARG A 195 36.84 0.43 -9.10
C ARG A 195 38.32 0.71 -8.87
N ASN A 196 38.70 1.99 -8.79
CA ASN A 196 40.13 2.35 -8.60
C ASN A 196 40.29 3.77 -8.02
N VAL A 197 41.51 4.14 -7.64
CA VAL A 197 41.80 5.47 -7.13
C VAL A 197 42.00 6.35 -8.37
N ASP A 198 40.92 6.99 -8.80
CA ASP A 198 40.92 7.73 -10.06
C ASP A 198 39.90 8.86 -9.96
N GLY A 199 39.52 9.41 -11.11
CA GLY A 199 38.61 10.53 -11.14
C GLY A 199 37.15 10.11 -11.21
N GLU A 200 36.84 8.96 -10.63
CA GLU A 200 35.48 8.44 -10.70
C GLU A 200 34.48 9.38 -10.03
N LYS A 201 34.91 10.09 -8.98
CA LYS A 201 33.95 10.93 -8.21
C LYS A 201 33.28 11.95 -9.13
N GLU A 202 34.06 12.62 -9.97
CA GLU A 202 33.51 13.67 -10.89
C GLU A 202 32.51 13.00 -11.84
N LEU A 203 32.85 11.81 -12.35
CA LEU A 203 31.93 11.08 -13.25
C LEU A 203 30.64 10.76 -12.49
N MET A 204 30.76 10.38 -11.21
CA MET A 204 29.57 10.06 -10.43
C MET A 204 28.78 11.32 -10.09
N ASP A 205 29.46 12.42 -9.76
CA ASP A 205 28.75 13.66 -9.47
C ASP A 205 27.86 14.07 -10.63
N GLU A 206 28.38 13.98 -11.86
CA GLU A 206 27.57 14.35 -13.02
C GLU A 206 26.47 13.32 -13.26
N PHE A 207 26.79 12.04 -13.14
CA PHE A 207 25.79 10.99 -13.32
C PHE A 207 24.59 11.23 -12.40
N CYS A 208 24.86 11.48 -11.12
CA CYS A 208 23.77 11.75 -10.19
C CYS A 208 23.02 13.02 -10.58
N ASP A 209 23.76 14.07 -10.96
CA ASP A 209 23.13 15.32 -11.37
C ASP A 209 22.09 15.07 -12.47
N LYS A 210 22.48 14.32 -13.50
CA LYS A 210 21.55 14.07 -14.60
C LYS A 210 20.40 13.17 -14.18
N LEU A 211 20.63 12.23 -13.26
CA LEU A 211 19.56 11.40 -12.74
C LEU A 211 18.64 12.15 -11.78
N GLY A 212 18.99 13.37 -11.40
CA GLY A 212 18.18 14.12 -10.46
C GLY A 212 18.37 13.72 -9.02
N THR A 213 19.47 13.05 -8.69
CA THR A 213 19.71 12.54 -7.35
C THR A 213 21.09 13.02 -6.90
N LYS A 214 21.68 12.30 -5.95
CA LYS A 214 22.94 12.70 -5.34
C LYS A 214 23.80 11.48 -5.06
N LEU A 215 25.09 11.72 -4.86
CA LEU A 215 26.03 10.68 -4.44
C LEU A 215 26.03 10.64 -2.93
N ILE A 216 25.46 9.59 -2.35
CA ILE A 216 25.38 9.51 -0.90
C ILE A 216 26.74 9.17 -0.31
N HIS A 217 27.60 8.50 -1.06
CA HIS A 217 29.00 8.37 -0.65
C HIS A 217 29.83 7.79 -1.78
N TYR A 218 31.10 8.14 -1.78
CA TYR A 218 32.10 7.59 -2.70
C TYR A 218 32.95 6.60 -1.90
N VAL A 219 32.65 5.32 -2.05
CA VAL A 219 33.38 4.27 -1.34
C VAL A 219 34.71 4.04 -2.05
N PRO A 220 35.84 4.44 -1.47
CA PRO A 220 37.11 4.29 -2.19
C PRO A 220 37.49 2.83 -2.34
N ARG A 221 38.36 2.57 -3.31
CA ARG A 221 38.97 1.26 -3.46
C ARG A 221 40.07 1.11 -2.42
N ASP A 222 40.04 0.00 -1.69
CA ASP A 222 41.01 -0.24 -0.62
C ASP A 222 41.17 -1.74 -0.44
N ASN A 223 42.41 -2.22 -0.55
CA ASN A 223 42.68 -3.65 -0.47
C ASN A 223 42.23 -4.24 0.86
N ILE A 224 42.03 -3.42 1.89
CA ILE A 224 41.59 -3.94 3.18
C ILE A 224 40.24 -4.65 3.06
N VAL A 225 39.47 -4.35 2.01
CA VAL A 225 38.20 -5.04 1.80
C VAL A 225 38.45 -6.51 1.53
N GLN A 226 39.39 -6.81 0.64
CA GLN A 226 39.65 -8.21 0.28
C GLN A 226 40.30 -8.96 1.43
N LYS A 227 41.22 -8.31 2.14
CA LYS A 227 41.80 -8.94 3.32
C LYS A 227 40.73 -9.28 4.35
N ALA A 228 39.76 -8.38 4.55
CA ALA A 228 38.66 -8.67 5.46
C ALA A 228 37.77 -9.78 4.92
N GLU A 229 37.46 -9.73 3.63
CA GLU A 229 36.66 -10.79 3.03
C GLU A 229 37.36 -12.14 3.15
N PHE A 230 38.70 -12.15 2.97
CA PHE A 230 39.44 -13.40 3.11
C PHE A 230 39.27 -14.02 4.49
N ASN A 231 39.10 -13.19 5.51
CA ASN A 231 38.81 -13.65 6.85
C ASN A 231 37.32 -13.78 7.10
N LYS A 232 36.50 -13.69 6.05
CA LYS A 232 35.05 -13.87 6.16
C LYS A 232 34.44 -12.87 7.13
N MET A 233 34.96 -11.65 7.12
CA MET A 233 34.50 -10.58 7.99
C MET A 233 34.17 -9.35 7.16
N THR A 234 33.50 -8.39 7.80
CA THR A 234 33.43 -7.04 7.28
C THR A 234 34.69 -6.29 7.68
N VAL A 235 34.96 -5.19 6.97
CA VAL A 235 36.06 -4.31 7.33
C VAL A 235 35.88 -3.81 8.76
N ILE A 236 34.64 -3.58 9.17
CA ILE A 236 34.38 -3.06 10.51
C ILE A 236 34.89 -4.04 11.57
N GLU A 237 34.56 -5.32 11.41
CA GLU A 237 35.04 -6.32 12.36
C GLU A 237 36.54 -6.53 12.22
N PHE A 238 37.07 -6.44 11.01
CA PHE A 238 38.49 -6.74 10.78
C PHE A 238 39.39 -5.66 11.37
N ASP A 239 39.07 -4.39 11.12
CA ASP A 239 39.90 -3.28 11.56
C ASP A 239 39.02 -2.03 11.67
N PRO A 240 38.31 -1.86 12.77
CA PRO A 240 37.37 -0.74 12.87
C PRO A 240 38.03 0.63 12.86
N GLU A 241 39.35 0.71 12.97
CA GLU A 241 40.05 1.99 13.06
C GLU A 241 40.66 2.44 11.73
N CYS A 242 40.59 1.61 10.69
CA CYS A 242 41.18 1.99 9.41
C CYS A 242 40.27 2.97 8.68
N ASN A 243 40.86 3.66 7.69
CA ASN A 243 40.12 4.71 6.99
C ASN A 243 38.88 4.15 6.30
N GLN A 244 39.00 2.96 5.71
CA GLN A 244 37.85 2.39 5.02
C GLN A 244 36.68 2.15 5.96
N ALA A 245 36.96 1.82 7.23
CA ALA A 245 35.90 1.67 8.20
C ALA A 245 35.16 3.00 8.39
N LYS A 246 35.90 4.10 8.43
CA LYS A 246 35.27 5.41 8.55
C LYS A 246 34.47 5.76 7.30
N GLU A 247 34.93 5.32 6.14
CA GLU A 247 34.16 5.56 4.91
C GLU A 247 32.78 4.91 5.01
N TYR A 248 32.74 3.64 5.48
CA TYR A 248 31.47 2.98 5.69
C TYR A 248 30.66 3.68 6.78
N ARG A 249 31.34 4.10 7.85
CA ARG A 249 30.69 4.88 8.90
C ARG A 249 29.99 6.10 8.31
N THR A 250 30.71 6.88 7.51
CA THR A 250 30.10 8.06 6.89
C THR A 250 28.92 7.65 6.01
N LEU A 251 29.08 6.59 5.21
CA LEU A 251 27.98 6.13 4.38
C LEU A 251 26.79 5.70 5.23
N ALA A 252 27.06 4.94 6.30
CA ALA A 252 25.98 4.49 7.18
C ALA A 252 25.23 5.67 7.77
N LYS A 253 25.96 6.64 8.32
CA LYS A 253 25.31 7.83 8.88
C LYS A 253 24.47 8.54 7.83
N ASN A 254 25.01 8.70 6.62
CA ASN A 254 24.29 9.47 5.60
C ASN A 254 23.00 8.77 5.19
N ILE A 255 23.05 7.45 5.00
CA ILE A 255 21.83 6.70 4.70
C ILE A 255 20.81 6.87 5.82
N ASP A 256 21.27 6.74 7.07
CA ASP A 256 20.36 6.73 8.20
C ASP A 256 19.56 8.02 8.31
N GLU A 257 20.21 9.16 8.10
CA GLU A 257 19.55 10.45 8.26
C GLU A 257 19.05 11.05 6.95
N ASN A 258 19.32 10.40 5.82
CA ASN A 258 18.92 10.96 4.53
C ASN A 258 17.40 11.14 4.48
N ASP A 259 16.98 12.35 4.12
CA ASP A 259 15.58 12.67 3.90
C ASP A 259 15.37 13.33 2.54
N GLU A 260 16.38 13.28 1.70
CA GLU A 260 16.28 13.87 0.34
C GLU A 260 15.98 12.73 -0.65
N LEU A 261 14.71 12.47 -0.91
CA LEU A 261 14.27 11.42 -1.81
C LEU A 261 13.61 12.03 -3.03
N VAL A 262 13.90 11.47 -4.21
CA VAL A 262 13.45 12.05 -5.46
C VAL A 262 12.86 10.97 -6.36
N LYS A 263 12.10 11.43 -7.35
CA LYS A 263 11.77 10.62 -8.52
C LYS A 263 12.88 10.79 -9.54
N PRO A 264 13.63 9.75 -9.87
CA PRO A 264 14.79 9.94 -10.77
C PRO A 264 14.36 10.30 -12.18
N THR A 265 15.30 10.91 -12.91
CA THR A 265 15.14 11.20 -14.33
C THR A 265 16.14 10.34 -15.08
N PRO A 266 15.79 9.11 -15.46
CA PRO A 266 16.76 8.23 -16.13
C PRO A 266 17.29 8.86 -17.41
N MET A 267 18.54 8.55 -17.71
CA MET A 267 19.20 9.11 -18.88
C MET A 267 18.70 8.44 -20.15
N THR A 268 18.74 9.20 -21.24
CA THR A 268 18.53 8.64 -22.56
C THR A 268 19.76 7.85 -22.99
N MET A 269 19.59 7.04 -24.03
CA MET A 269 20.73 6.27 -24.54
C MET A 269 21.82 7.20 -25.07
N ASP A 270 21.42 8.32 -25.67
CA ASP A 270 22.41 9.30 -26.14
C ASP A 270 23.16 9.92 -24.96
N GLU A 271 22.42 10.33 -23.93
CA GLU A 271 23.06 10.93 -22.76
C GLU A 271 24.10 9.98 -22.16
N LEU A 272 23.75 8.69 -22.06
CA LEU A 272 24.70 7.71 -21.54
C LEU A 272 25.94 7.63 -22.41
N GLU A 273 25.77 7.67 -23.74
CA GLU A 273 26.92 7.67 -24.63
C GLU A 273 27.74 8.93 -24.48
N GLU A 274 27.09 10.08 -24.33
CA GLU A 274 27.83 11.32 -24.15
C GLU A 274 28.66 11.28 -22.87
N LEU A 275 28.08 10.80 -21.78
CA LEU A 275 28.84 10.68 -20.54
C LEU A 275 30.02 9.73 -20.71
N VAL A 276 29.81 8.61 -21.41
CA VAL A 276 30.90 7.67 -21.64
C VAL A 276 32.02 8.33 -22.43
N VAL A 277 31.67 9.06 -23.48
CA VAL A 277 32.67 9.71 -24.31
C VAL A 277 33.48 10.70 -23.48
N LYS A 278 32.78 11.57 -22.75
CA LYS A 278 33.45 12.66 -22.04
C LYS A 278 34.42 12.13 -20.98
N TYR A 279 34.13 10.97 -20.40
CA TYR A 279 34.95 10.41 -19.34
C TYR A 279 35.75 9.20 -19.75
N GLY A 280 35.72 8.83 -21.03
CA GLY A 280 36.48 7.67 -21.47
C GLY A 280 35.67 6.39 -21.42
N LEU A 281 35.97 5.50 -22.36
CA LEU A 281 35.25 4.23 -22.48
C LEU A 281 35.18 3.50 -21.15
N ASP B 4 9.81 -27.98 -31.47
CA ASP B 4 9.87 -29.24 -32.21
C ASP B 4 9.74 -29.05 -33.71
N GLU B 5 8.98 -28.05 -34.15
CA GLU B 5 8.70 -27.85 -35.57
C GLU B 5 9.57 -26.74 -36.19
N ILE B 6 10.71 -26.44 -35.59
CA ILE B 6 11.58 -25.35 -36.05
C ILE B 6 12.86 -25.96 -36.60
N ALA B 7 13.23 -25.54 -37.82
CA ALA B 7 14.43 -26.06 -38.47
C ALA B 7 14.40 -27.58 -38.45
N PRO B 8 13.79 -28.22 -39.44
CA PRO B 8 13.49 -29.65 -39.32
C PRO B 8 14.73 -30.54 -39.24
N ASP B 9 15.61 -30.46 -40.25
CA ASP B 9 16.80 -31.37 -40.27
C ASP B 9 18.02 -30.65 -39.68
N ALA B 10 17.79 -29.74 -38.74
CA ALA B 10 18.89 -29.02 -38.11
C ALA B 10 19.10 -29.48 -36.68
N LYS B 11 20.36 -29.61 -36.30
CA LYS B 11 20.74 -29.82 -34.90
C LYS B 11 20.42 -28.56 -34.11
N LYS B 12 19.39 -28.63 -33.26
CA LYS B 12 19.03 -27.52 -32.39
C LYS B 12 19.78 -27.66 -31.07
N VAL B 13 20.51 -26.61 -30.69
CA VAL B 13 21.34 -26.62 -29.50
C VAL B 13 21.10 -25.33 -28.73
N ALA B 14 21.08 -25.44 -27.40
CA ALA B 14 21.06 -24.29 -26.50
C ALA B 14 22.35 -24.27 -25.71
N ILE B 15 23.03 -23.12 -25.70
CA ILE B 15 24.26 -22.93 -24.93
C ILE B 15 23.89 -22.15 -23.67
N TYR B 16 23.97 -22.85 -22.55
CA TYR B 16 23.59 -22.24 -21.26
C TYR B 16 24.82 -21.93 -20.44
N GLY B 17 24.72 -20.91 -19.59
CA GLY B 17 25.80 -20.62 -18.68
C GLY B 17 25.74 -19.28 -17.97
N LYS B 18 26.47 -19.19 -16.86
CA LYS B 18 26.59 -17.93 -16.13
C LYS B 18 27.10 -16.83 -17.04
N GLY B 19 26.80 -15.59 -16.66
CA GLY B 19 27.28 -14.45 -17.42
C GLY B 19 28.72 -14.09 -17.07
N GLY B 20 29.31 -13.30 -17.95
CA GLY B 20 30.66 -12.81 -17.71
C GLY B 20 31.72 -13.89 -17.65
N ILE B 21 31.53 -14.99 -18.37
CA ILE B 21 32.53 -16.07 -18.40
C ILE B 21 32.89 -16.40 -19.85
N GLY B 22 32.45 -15.56 -20.78
CA GLY B 22 32.77 -15.77 -22.19
C GLY B 22 31.83 -16.69 -22.93
N LYS B 23 30.65 -16.97 -22.38
CA LYS B 23 29.72 -17.90 -23.02
C LYS B 23 29.41 -17.47 -24.45
N SER B 24 29.10 -16.19 -24.65
CA SER B 24 28.72 -15.73 -25.99
C SER B 24 29.89 -15.80 -26.95
N THR B 25 31.10 -15.49 -26.47
CA THR B 25 32.27 -15.61 -27.33
C THR B 25 32.45 -17.04 -27.81
N THR B 26 32.29 -18.01 -26.90
CA THR B 26 32.40 -19.42 -27.29
C THR B 26 31.30 -19.82 -28.26
N THR B 27 30.08 -19.32 -28.03
CA THR B 27 28.96 -19.68 -28.91
C THR B 27 29.20 -19.17 -30.33
N GLN B 28 29.59 -17.90 -30.45
CA GLN B 28 29.81 -17.33 -31.78
C GLN B 28 30.99 -17.97 -32.48
N ASN B 29 32.10 -18.17 -31.77
CA ASN B 29 33.26 -18.81 -32.39
C ASN B 29 32.97 -20.25 -32.75
N THR B 30 32.15 -20.94 -31.95
CA THR B 30 31.72 -22.28 -32.33
C THR B 30 30.85 -22.25 -33.58
N ALA B 31 29.90 -21.33 -33.64
CA ALA B 31 29.07 -21.19 -34.83
C ALA B 31 29.92 -20.90 -36.07
N ALA B 32 30.86 -19.95 -35.94
CA ALA B 32 31.71 -19.60 -37.06
C ALA B 32 32.59 -20.78 -37.47
N ALA B 33 33.08 -21.53 -36.49
CA ALA B 33 33.90 -22.69 -36.80
C ALA B 33 33.13 -23.69 -37.65
N LEU B 34 31.83 -23.88 -37.37
CA LEU B 34 31.03 -24.82 -38.13
C LEU B 34 30.85 -24.34 -39.57
N ALA B 35 30.50 -23.06 -39.74
CA ALA B 35 30.27 -22.53 -41.08
C ALA B 35 31.55 -22.47 -41.89
N TYR B 36 32.67 -22.16 -41.24
CA TYR B 36 33.92 -22.00 -41.98
C TYR B 36 34.60 -23.34 -42.24
N PHE B 37 34.81 -24.14 -41.18
CA PHE B 37 35.59 -25.36 -41.34
C PHE B 37 34.78 -26.49 -41.94
N PHE B 38 33.47 -26.53 -41.69
CA PHE B 38 32.64 -27.65 -42.12
C PHE B 38 31.47 -27.22 -42.98
N ASP B 39 31.45 -25.98 -43.45
CA ASP B 39 30.52 -25.53 -44.49
C ASP B 39 29.05 -25.73 -44.09
N LYS B 40 28.76 -25.55 -42.81
CA LYS B 40 27.38 -25.76 -42.31
C LYS B 40 26.58 -24.46 -42.37
N LYS B 41 25.29 -24.52 -42.72
CA LYS B 41 24.42 -23.30 -42.66
C LYS B 41 24.02 -23.13 -41.19
N VAL B 42 24.49 -22.06 -40.55
CA VAL B 42 24.27 -21.91 -39.07
C VAL B 42 23.43 -20.67 -38.76
N MET B 43 22.64 -20.74 -37.69
CA MET B 43 21.83 -19.56 -37.24
C MET B 43 21.95 -19.42 -35.72
N ILE B 44 22.16 -18.19 -35.24
CA ILE B 44 22.26 -17.91 -33.82
C ILE B 44 21.05 -17.06 -33.43
N HIS B 45 20.29 -17.52 -32.45
CA HIS B 45 19.20 -16.76 -31.85
C HIS B 45 19.61 -16.43 -30.42
N GLY B 46 19.90 -15.16 -30.16
CA GLY B 46 20.35 -14.75 -28.83
C GLY B 46 19.19 -14.61 -27.87
N CYS B 47 19.44 -15.02 -26.62
CA CYS B 47 18.43 -14.93 -25.57
C CYS B 47 19.01 -14.33 -24.29
N ASP B 48 20.11 -13.59 -24.39
CA ASP B 48 20.66 -12.90 -23.24
C ASP B 48 20.09 -11.49 -23.16
N PRO B 49 19.66 -11.02 -21.98
CA PRO B 49 19.11 -9.67 -21.91
C PRO B 49 20.07 -8.60 -22.42
N LYS B 50 21.38 -8.83 -22.27
CA LYS B 50 22.36 -7.89 -22.80
C LYS B 50 22.33 -7.83 -24.33
N ALA B 51 21.80 -8.85 -24.99
CA ALA B 51 21.77 -8.92 -26.45
C ALA B 51 23.19 -8.78 -27.01
N ASP B 52 24.00 -9.79 -26.71
CA ASP B 52 25.43 -9.76 -27.00
C ASP B 52 25.89 -11.05 -27.67
N SER B 53 24.98 -11.76 -28.33
CA SER B 53 25.28 -13.08 -28.87
C SER B 53 25.60 -13.07 -30.36
N THR B 54 25.51 -11.92 -31.04
CA THR B 54 25.75 -11.87 -32.46
C THR B 54 26.64 -10.72 -32.90
N ARG B 55 27.12 -9.92 -31.95
CA ARG B 55 27.92 -8.72 -32.31
C ARG B 55 29.18 -9.12 -33.09
N MET B 56 29.80 -10.25 -32.72
CA MET B 56 31.03 -10.67 -33.38
C MET B 56 30.76 -11.26 -34.76
N ILE B 57 29.53 -11.70 -35.01
CA ILE B 57 29.16 -12.25 -36.36
C ILE B 57 28.79 -11.08 -37.27
N LEU B 58 28.19 -10.03 -36.72
CA LEU B 58 27.71 -8.88 -37.54
C LEU B 58 28.77 -7.76 -37.52
N HIS B 59 29.85 -7.93 -36.78
CA HIS B 59 30.97 -6.95 -36.79
C HIS B 59 30.60 -5.62 -36.11
N GLY B 60 30.64 -5.58 -34.78
CA GLY B 60 30.41 -4.31 -34.04
C GLY B 60 28.97 -3.87 -33.94
N LYS B 61 28.30 -3.66 -35.08
CA LYS B 61 26.91 -3.12 -35.05
C LYS B 61 26.04 -3.96 -34.12
N PRO B 62 25.50 -3.41 -33.02
CA PRO B 62 24.58 -4.16 -32.16
C PRO B 62 23.24 -4.27 -32.90
N GLN B 63 22.82 -5.49 -33.23
CA GLN B 63 21.59 -5.68 -34.04
C GLN B 63 20.35 -5.29 -33.22
N ASP B 64 19.30 -4.82 -33.89
CA ASP B 64 18.03 -4.49 -33.19
C ASP B 64 17.41 -5.78 -32.65
N THR B 65 16.93 -5.75 -31.41
CA THR B 65 16.33 -6.92 -30.80
C THR B 65 14.86 -7.02 -31.19
N VAL B 66 14.34 -8.25 -31.20
CA VAL B 66 12.95 -8.47 -31.59
C VAL B 66 12.02 -7.75 -30.63
N MET B 67 12.29 -7.85 -29.33
CA MET B 67 11.39 -7.25 -28.36
C MET B 67 11.44 -5.73 -28.39
N ASP B 68 12.59 -5.16 -28.77
CA ASP B 68 12.67 -3.71 -28.94
C ASP B 68 11.84 -3.26 -30.12
N VAL B 69 11.99 -3.92 -31.27
CA VAL B 69 11.22 -3.57 -32.46
C VAL B 69 9.73 -3.71 -32.17
N LEU B 70 9.34 -4.81 -31.54
CA LEU B 70 7.93 -5.06 -31.29
C LEU B 70 7.34 -4.02 -30.35
N ARG B 71 8.12 -3.60 -29.34
CA ARG B 71 7.67 -2.54 -28.45
C ARG B 71 7.43 -1.25 -29.21
N GLU B 72 8.33 -0.90 -30.13
CA GLU B 72 8.28 0.39 -30.81
C GLU B 72 7.34 0.41 -32.00
N GLU B 73 6.92 -0.74 -32.51
CA GLU B 73 6.18 -0.77 -33.77
C GLU B 73 4.91 -1.61 -33.70
N GLY B 74 5.04 -2.90 -33.44
CA GLY B 74 3.91 -3.80 -33.37
C GLY B 74 4.04 -4.96 -34.34
N GLU B 75 3.05 -5.85 -34.28
CA GLU B 75 3.15 -7.12 -34.99
C GLU B 75 3.20 -6.91 -36.49
N GLU B 76 2.28 -6.12 -37.04
CA GLU B 76 2.21 -5.96 -38.49
C GLU B 76 3.49 -5.37 -39.05
N ALA B 77 4.16 -4.52 -38.27
CA ALA B 77 5.34 -3.79 -38.80
C ALA B 77 6.60 -4.65 -38.82
N VAL B 78 6.75 -5.60 -37.90
CA VAL B 78 8.03 -6.36 -37.82
C VAL B 78 8.26 -7.11 -39.14
N THR B 79 9.51 -7.11 -39.62
CA THR B 79 9.86 -7.80 -40.88
C THR B 79 11.10 -8.67 -40.65
N LEU B 80 11.32 -9.67 -41.49
CA LEU B 80 12.53 -10.49 -41.36
C LEU B 80 13.77 -9.63 -41.57
N GLU B 81 13.70 -8.68 -42.50
CA GLU B 81 14.89 -7.86 -42.83
C GLU B 81 15.33 -7.05 -41.61
N LYS B 82 14.42 -6.74 -40.69
CA LYS B 82 14.79 -5.86 -39.59
C LYS B 82 15.39 -6.63 -38.42
N VAL B 83 14.88 -7.84 -38.14
CA VAL B 83 15.29 -8.56 -36.94
C VAL B 83 16.26 -9.70 -37.22
N ARG B 84 16.34 -10.14 -38.48
CA ARG B 84 17.31 -11.22 -38.85
C ARG B 84 18.41 -10.62 -39.73
N LYS B 85 19.66 -10.69 -39.27
CA LYS B 85 20.79 -10.12 -40.04
C LYS B 85 21.73 -11.25 -40.46
N ILE B 86 22.39 -11.08 -41.61
CA ILE B 86 23.36 -12.10 -42.11
C ILE B 86 24.78 -11.58 -41.85
N GLY B 87 25.68 -12.45 -41.41
CA GLY B 87 27.04 -12.00 -41.07
C GLY B 87 28.12 -12.90 -41.61
N PHE B 88 29.19 -13.10 -40.83
CA PHE B 88 30.33 -13.89 -41.28
C PHE B 88 29.87 -15.27 -41.75
N LYS B 89 30.28 -15.63 -42.96
CA LYS B 89 29.95 -16.93 -43.55
C LYS B 89 28.45 -17.13 -43.64
N ASP B 90 27.71 -16.04 -43.83
CA ASP B 90 26.26 -16.08 -44.02
C ASP B 90 25.54 -16.67 -42.81
N ILE B 91 26.14 -16.53 -41.62
CA ILE B 91 25.45 -16.95 -40.41
C ILE B 91 24.30 -16.00 -40.12
N LEU B 92 23.12 -16.59 -39.95
CA LEU B 92 21.91 -15.78 -39.66
C LEU B 92 21.91 -15.41 -38.17
N CYS B 93 21.56 -14.18 -37.84
CA CYS B 93 21.65 -13.65 -36.48
C CYS B 93 20.33 -12.99 -36.08
N VAL B 94 19.84 -13.37 -34.90
CA VAL B 94 18.62 -12.80 -34.32
C VAL B 94 18.87 -12.60 -32.84
N GLU B 95 18.31 -11.53 -32.27
CA GLU B 95 18.42 -11.23 -30.86
C GLU B 95 17.02 -11.05 -30.27
N SER B 96 16.73 -11.77 -29.20
CA SER B 96 15.40 -11.65 -28.54
C SER B 96 15.28 -10.31 -27.81
N GLY B 97 16.33 -9.88 -27.11
CA GLY B 97 16.27 -8.66 -26.33
C GLY B 97 15.81 -8.92 -24.90
N GLY B 98 16.02 -7.92 -24.06
CA GLY B 98 15.63 -8.00 -22.67
C GLY B 98 14.29 -7.36 -22.42
N PRO B 99 13.78 -7.50 -21.20
CA PRO B 99 12.48 -6.90 -20.88
C PRO B 99 12.59 -5.40 -20.70
N GLU B 100 11.44 -4.75 -20.77
CA GLU B 100 11.36 -3.32 -20.44
C GLU B 100 11.58 -3.17 -18.94
N PRO B 101 12.48 -2.29 -18.50
CA PRO B 101 12.80 -2.23 -17.06
C PRO B 101 11.56 -2.00 -16.22
N GLY B 102 11.38 -2.88 -15.23
CA GLY B 102 10.31 -2.77 -14.27
C GLY B 102 9.13 -3.68 -14.51
N VAL B 103 9.02 -4.25 -15.71
CA VAL B 103 7.85 -5.04 -16.09
C VAL B 103 8.28 -6.12 -17.06
N GLY B 104 7.58 -7.24 -17.03
CA GLY B 104 7.82 -8.27 -18.03
C GLY B 104 8.90 -9.23 -17.62
N CYS B 105 8.76 -10.47 -18.12
CA CYS B 105 9.71 -11.55 -17.76
C CYS B 105 10.62 -11.85 -18.94
N ALA B 106 11.88 -12.20 -18.66
CA ALA B 106 12.83 -12.57 -19.69
C ALA B 106 12.30 -13.71 -20.55
N GLY B 107 11.66 -14.70 -19.93
CA GLY B 107 11.15 -15.83 -20.68
C GLY B 107 10.04 -15.43 -21.63
N ARG B 108 9.15 -14.54 -21.21
CA ARG B 108 8.11 -14.07 -22.11
C ARG B 108 8.73 -13.40 -23.34
N GLY B 109 9.84 -12.69 -23.16
CA GLY B 109 10.49 -12.06 -24.28
C GLY B 109 11.03 -13.06 -25.28
N VAL B 110 11.59 -14.17 -24.79
CA VAL B 110 12.17 -15.17 -25.68
C VAL B 110 11.08 -15.98 -26.36
N ILE B 111 9.99 -16.26 -25.66
CA ILE B 111 8.85 -16.92 -26.30
C ILE B 111 8.33 -16.06 -27.43
N THR B 112 8.10 -14.78 -27.15
CA THR B 112 7.57 -13.87 -28.18
C THR B 112 8.51 -13.77 -29.36
N ALA B 113 9.82 -13.72 -29.10
CA ALA B 113 10.79 -13.62 -30.20
C ALA B 113 10.79 -14.88 -31.06
N VAL B 114 10.81 -16.05 -30.42
CA VAL B 114 10.76 -17.30 -31.17
C VAL B 114 9.45 -17.38 -31.95
N ASP B 115 8.34 -17.06 -31.30
CA ASP B 115 7.05 -17.04 -31.99
C ASP B 115 7.10 -16.13 -33.22
N MET B 116 7.63 -14.92 -33.04
CA MET B 116 7.72 -13.95 -34.16
C MET B 116 8.55 -14.55 -35.28
N MET B 117 9.68 -15.19 -34.94
CA MET B 117 10.53 -15.84 -35.96
C MET B 117 9.74 -16.97 -36.64
N ARG B 118 8.95 -17.72 -35.87
CA ARG B 118 8.12 -18.77 -36.46
C ARG B 118 7.16 -18.18 -37.49
N GLU B 119 6.45 -17.13 -37.10
CA GLU B 119 5.39 -16.56 -37.99
C GLU B 119 6.03 -15.94 -39.25
N LEU B 120 7.24 -15.37 -39.15
CA LEU B 120 7.94 -14.79 -40.29
C LEU B 120 8.68 -15.83 -41.12
N GLU B 121 8.54 -17.12 -40.81
CA GLU B 121 9.29 -18.18 -41.48
C GLU B 121 10.78 -17.85 -41.51
N GLY B 122 11.31 -17.42 -40.36
CA GLY B 122 12.71 -16.95 -40.30
C GLY B 122 13.73 -18.04 -40.01
N TYR B 123 13.30 -19.23 -39.60
CA TYR B 123 14.25 -20.36 -39.41
C TYR B 123 14.26 -21.18 -40.70
N PRO B 124 15.26 -21.02 -41.61
CA PRO B 124 15.19 -21.71 -42.90
C PRO B 124 15.15 -23.23 -42.76
N ASP B 125 14.48 -23.86 -43.72
CA ASP B 125 14.32 -25.31 -43.67
C ASP B 125 15.63 -26.04 -43.88
N ASP B 126 16.60 -25.43 -44.57
CA ASP B 126 17.86 -26.07 -44.88
C ASP B 126 18.95 -25.77 -43.85
N LEU B 127 18.54 -25.26 -42.69
CA LEU B 127 19.52 -24.91 -41.63
C LEU B 127 20.20 -26.20 -41.15
N ASP B 128 21.52 -26.15 -40.98
CA ASP B 128 22.26 -27.32 -40.45
C ASP B 128 22.37 -27.19 -38.93
N ASN B 129 22.54 -25.96 -38.44
CA ASN B 129 22.79 -25.77 -36.98
C ASN B 129 22.09 -24.51 -36.47
N LEU B 130 21.25 -24.64 -35.45
CA LEU B 130 20.62 -23.50 -34.81
C LEU B 130 21.06 -23.47 -33.35
N PHE B 131 21.55 -22.31 -32.90
CA PHE B 131 22.04 -22.14 -31.54
C PHE B 131 21.20 -21.11 -30.82
N PHE B 132 20.74 -21.46 -29.61
CA PHE B 132 20.13 -20.51 -28.69
C PHE B 132 21.13 -20.23 -27.58
N ASP B 133 21.57 -18.97 -27.48
CA ASP B 133 22.50 -18.53 -26.44
C ASP B 133 21.68 -17.96 -25.28
N VAL B 134 21.66 -18.67 -24.16
CA VAL B 134 20.74 -18.40 -23.06
C VAL B 134 21.53 -18.19 -21.78
N LEU B 135 21.06 -17.26 -20.96
CA LEU B 135 21.70 -16.91 -19.70
C LEU B 135 21.23 -17.83 -18.59
N GLY B 136 22.18 -18.31 -17.78
CA GLY B 136 21.86 -19.25 -16.71
C GLY B 136 22.35 -18.81 -15.34
N ASP B 137 22.44 -17.50 -15.11
CA ASP B 137 22.73 -17.02 -13.76
C ASP B 137 21.68 -17.51 -12.77
N VAL B 138 20.42 -17.54 -13.19
CA VAL B 138 19.30 -17.96 -12.34
C VAL B 138 18.39 -18.83 -13.18
N VAL B 139 17.96 -19.97 -12.60
CA VAL B 139 17.12 -20.92 -13.31
C VAL B 139 15.66 -20.67 -12.96
N CYS B 140 15.28 -19.40 -13.06
CA CYS B 140 13.86 -19.02 -12.77
C CYS B 140 12.97 -19.43 -13.93
N GLY B 141 11.66 -19.24 -13.79
CA GLY B 141 10.73 -19.58 -14.84
C GLY B 141 11.05 -18.90 -16.16
N GLY B 142 11.58 -17.68 -16.10
CA GLY B 142 11.90 -16.95 -17.31
C GLY B 142 13.11 -17.50 -18.04
N PHE B 143 14.26 -17.50 -17.36
CA PHE B 143 15.52 -17.90 -18.03
C PHE B 143 15.56 -19.42 -18.29
N ALA B 144 14.76 -20.19 -17.56
CA ALA B 144 14.78 -21.67 -17.70
C ALA B 144 13.58 -22.12 -18.54
N MET B 145 12.86 -21.17 -19.13
CA MET B 145 11.71 -21.52 -20.02
C MET B 145 12.17 -22.45 -21.15
N PRO B 146 13.34 -22.20 -21.80
CA PRO B 146 13.84 -23.11 -22.84
C PRO B 146 13.93 -24.55 -22.32
N LEU B 147 14.26 -24.73 -21.04
CA LEU B 147 14.34 -26.09 -20.45
C LEU B 147 12.91 -26.61 -20.18
N ARG B 148 12.01 -25.74 -19.74
CA ARG B 148 10.64 -26.15 -19.44
C ARG B 148 9.89 -26.56 -20.70
N ASP B 149 10.19 -25.92 -21.83
CA ASP B 149 9.47 -26.17 -23.07
C ASP B 149 10.30 -26.91 -24.12
N GLY B 150 11.52 -27.32 -23.77
CA GLY B 150 12.36 -27.99 -24.75
C GLY B 150 12.57 -27.19 -26.01
N LEU B 151 12.82 -25.89 -25.88
CA LEU B 151 13.13 -25.07 -27.06
C LEU B 151 14.22 -25.72 -27.90
N ALA B 152 15.21 -26.33 -27.23
CA ALA B 152 16.19 -27.18 -27.87
C ALA B 152 16.42 -28.36 -26.95
N GLN B 153 16.47 -29.56 -27.52
CA GLN B 153 16.63 -30.76 -26.70
C GLN B 153 18.08 -30.99 -26.29
N GLU B 154 19.02 -30.50 -27.08
CA GLU B 154 20.45 -30.73 -26.85
C GLU B 154 21.04 -29.51 -26.16
N ILE B 155 21.32 -29.64 -24.86
CA ILE B 155 21.83 -28.54 -24.05
C ILE B 155 23.33 -28.73 -23.84
N TYR B 156 24.07 -27.62 -23.80
CA TYR B 156 25.46 -27.59 -23.38
C TYR B 156 25.62 -26.46 -22.38
N ILE B 157 26.38 -26.72 -21.31
CA ILE B 157 26.60 -25.76 -20.25
C ILE B 157 28.03 -25.26 -20.33
N VAL B 158 28.19 -23.94 -20.35
CA VAL B 158 29.51 -23.30 -20.22
C VAL B 158 29.76 -23.03 -18.74
N THR B 159 30.97 -23.33 -18.29
CA THR B 159 31.38 -23.04 -16.93
C THR B 159 32.88 -22.75 -16.94
N SER B 160 33.40 -22.46 -15.75
CA SER B 160 34.83 -22.19 -15.58
C SER B 160 35.25 -22.72 -14.22
N GLY B 161 36.56 -22.68 -13.97
CA GLY B 161 37.10 -23.13 -12.71
C GLY B 161 36.87 -22.14 -11.59
N GLU B 162 35.62 -21.67 -11.46
CA GLU B 162 35.24 -20.69 -10.46
C GLU B 162 34.01 -21.19 -9.73
N MET B 163 33.90 -20.82 -8.44
CA MET B 163 32.77 -21.32 -7.61
C MET B 163 31.42 -21.00 -8.26
N MET B 164 31.11 -19.72 -8.47
CA MET B 164 29.79 -19.32 -9.02
C MET B 164 29.54 -20.02 -10.36
N ALA B 165 30.56 -20.13 -11.21
CA ALA B 165 30.37 -20.74 -12.52
C ALA B 165 30.03 -22.21 -12.41
N LEU B 166 30.61 -22.91 -11.43
CA LEU B 166 30.23 -24.30 -11.18
C LEU B 166 28.83 -24.38 -10.56
N TYR B 167 28.55 -23.47 -9.62
CA TYR B 167 27.21 -23.41 -9.04
C TYR B 167 26.17 -23.21 -10.13
N ALA B 168 26.34 -22.21 -10.97
CA ALA B 168 25.40 -21.96 -12.07
C ALA B 168 25.26 -23.20 -12.95
N ALA B 169 26.38 -23.83 -13.29
CA ALA B 169 26.33 -25.02 -14.12
C ALA B 169 25.49 -26.11 -13.46
N ASN B 170 25.74 -26.37 -12.17
CA ASN B 170 25.03 -27.44 -11.48
C ASN B 170 23.53 -27.17 -11.45
N ASN B 171 23.14 -25.91 -11.20
CA ASN B 171 21.71 -25.59 -11.13
C ASN B 171 21.04 -25.73 -12.49
N ILE B 172 21.76 -25.45 -13.57
CA ILE B 172 21.21 -25.68 -14.90
C ILE B 172 20.98 -27.18 -15.11
N ALA B 173 21.92 -28.01 -14.67
CA ALA B 173 21.75 -29.45 -14.78
C ALA B 173 20.51 -29.92 -14.02
N LYS B 174 20.18 -29.26 -12.91
CA LYS B 174 18.94 -29.59 -12.21
C LYS B 174 17.73 -29.30 -13.08
N GLY B 175 17.73 -28.16 -13.76
CA GLY B 175 16.65 -27.86 -14.69
C GLY B 175 16.55 -28.87 -15.80
N ILE B 176 17.70 -29.34 -16.30
CA ILE B 176 17.69 -30.37 -17.34
C ILE B 176 17.11 -31.66 -16.80
N LEU B 177 17.63 -32.13 -15.66
CA LEU B 177 17.10 -33.34 -15.05
C LEU B 177 15.60 -33.23 -14.80
N LYS B 178 15.14 -32.04 -14.40
CA LYS B 178 13.73 -31.88 -14.03
C LYS B 178 12.82 -32.13 -15.22
N TYR B 179 13.22 -31.66 -16.41
CA TYR B 179 12.36 -31.68 -17.58
C TYR B 179 12.80 -32.73 -18.60
N ALA B 180 13.63 -33.69 -18.18
CA ALA B 180 14.14 -34.69 -19.11
C ALA B 180 13.00 -35.49 -19.75
N GLU B 181 11.96 -35.81 -18.97
CA GLU B 181 10.85 -36.60 -19.47
C GLU B 181 9.75 -35.74 -20.09
N GLN B 182 9.50 -34.57 -19.49
CA GLN B 182 8.41 -33.72 -19.95
C GLN B 182 8.72 -33.10 -21.31
N SER B 183 9.94 -32.60 -21.50
CA SER B 183 10.32 -31.91 -22.72
C SER B 183 11.41 -32.61 -23.51
N GLY B 184 11.85 -33.80 -23.10
CA GLY B 184 12.89 -34.50 -23.82
C GLY B 184 14.23 -33.80 -23.81
N VAL B 185 14.41 -32.87 -22.87
CA VAL B 185 15.67 -32.08 -22.80
C VAL B 185 16.80 -32.98 -22.28
N ARG B 186 18.01 -32.75 -22.75
CA ARG B 186 19.16 -33.57 -22.37
C ARG B 186 20.41 -32.70 -22.30
N LEU B 187 21.41 -33.19 -21.56
CA LEU B 187 22.70 -32.54 -21.46
C LEU B 187 23.69 -33.26 -22.37
N GLY B 188 24.27 -32.52 -23.31
CA GLY B 188 25.23 -33.08 -24.24
C GLY B 188 26.65 -33.04 -23.72
N GLY B 189 26.93 -32.13 -22.81
CA GLY B 189 28.26 -32.00 -22.26
C GLY B 189 28.49 -30.63 -21.69
N ILE B 190 29.72 -30.45 -21.18
CA ILE B 190 30.13 -29.23 -20.50
C ILE B 190 31.25 -28.60 -21.32
N ILE B 191 31.20 -27.27 -21.47
CA ILE B 191 32.26 -26.50 -22.10
C ILE B 191 32.96 -25.69 -21.03
N CYS B 192 34.28 -25.83 -20.93
CA CYS B 192 35.08 -25.09 -19.97
C CYS B 192 35.75 -23.93 -20.69
N ASN B 193 35.32 -22.71 -20.39
CA ASN B 193 36.09 -21.51 -20.71
C ASN B 193 37.13 -21.35 -19.60
N ALA B 194 38.38 -21.65 -19.91
CA ALA B 194 39.41 -21.74 -18.87
C ALA B 194 39.63 -20.39 -18.21
N ARG B 195 39.75 -20.41 -16.88
CA ARG B 195 40.24 -19.29 -16.09
C ARG B 195 41.73 -19.42 -15.80
N ASN B 196 42.36 -20.52 -16.22
CA ASN B 196 43.77 -20.77 -16.00
C ASN B 196 44.07 -21.00 -14.51
N VAL B 197 43.32 -21.93 -13.93
CA VAL B 197 43.47 -22.32 -12.53
C VAL B 197 44.24 -23.63 -12.49
N ASP B 198 45.16 -23.75 -11.54
CA ASP B 198 45.95 -24.98 -11.43
C ASP B 198 45.02 -26.17 -11.19
N GLY B 199 45.16 -27.20 -12.02
CA GLY B 199 44.29 -28.34 -11.91
C GLY B 199 42.87 -28.07 -12.35
N GLU B 200 42.68 -27.13 -13.28
CA GLU B 200 41.34 -26.80 -13.74
C GLU B 200 40.78 -27.89 -14.65
N LYS B 201 41.63 -28.47 -15.49
CA LYS B 201 41.18 -29.57 -16.36
C LYS B 201 40.75 -30.77 -15.52
N GLU B 202 41.49 -31.08 -14.46
CA GLU B 202 41.08 -32.15 -13.56
C GLU B 202 39.80 -31.79 -12.82
N LEU B 203 39.69 -30.53 -12.40
CA LEU B 203 38.44 -30.09 -11.72
C LEU B 203 37.25 -30.36 -12.66
N MET B 204 37.40 -30.07 -13.95
CA MET B 204 36.27 -30.24 -14.87
C MET B 204 35.99 -31.72 -15.11
N ASP B 205 37.03 -32.50 -15.40
CA ASP B 205 36.85 -33.93 -15.59
C ASP B 205 36.03 -34.52 -14.44
N GLU B 206 36.41 -34.19 -13.20
CA GLU B 206 35.69 -34.69 -12.04
C GLU B 206 34.26 -34.16 -11.99
N PHE B 207 34.11 -32.84 -12.16
CA PHE B 207 32.77 -32.25 -12.17
C PHE B 207 31.87 -32.93 -13.19
N CYS B 208 32.40 -33.22 -14.38
CA CYS B 208 31.61 -33.89 -15.40
C CYS B 208 31.26 -35.31 -14.98
N ASP B 209 32.20 -36.02 -14.35
CA ASP B 209 31.93 -37.38 -13.93
C ASP B 209 30.81 -37.43 -12.89
N LYS B 210 30.82 -36.50 -11.93
CA LYS B 210 29.76 -36.45 -10.93
C LYS B 210 28.41 -36.23 -11.61
N LEU B 211 28.35 -35.32 -12.58
CA LEU B 211 27.12 -35.03 -13.28
C LEU B 211 26.77 -36.10 -14.31
N GLY B 212 27.55 -37.18 -14.40
CA GLY B 212 27.25 -38.22 -15.37
C GLY B 212 27.34 -37.77 -16.80
N THR B 213 28.07 -36.69 -17.06
CA THR B 213 28.22 -36.17 -18.41
C THR B 213 29.71 -36.17 -18.79
N LYS B 214 30.09 -35.26 -19.70
CA LYS B 214 31.45 -35.25 -20.22
C LYS B 214 31.87 -33.81 -20.49
N LEU B 215 33.18 -33.59 -20.65
CA LEU B 215 33.68 -32.25 -21.03
C LEU B 215 33.85 -32.22 -22.55
N ILE B 216 32.88 -31.65 -23.27
CA ILE B 216 32.93 -31.64 -24.76
C ILE B 216 34.21 -30.94 -25.21
N HIS B 217 34.66 -29.92 -24.48
CA HIS B 217 35.95 -29.28 -24.85
C HIS B 217 36.48 -28.33 -23.77
N TYR B 218 37.80 -28.27 -23.64
CA TYR B 218 38.48 -27.35 -22.73
C TYR B 218 38.99 -26.20 -23.58
N VAL B 219 38.30 -25.05 -23.53
CA VAL B 219 38.62 -23.89 -24.32
C VAL B 219 39.67 -23.06 -23.58
N PRO B 220 40.92 -23.01 -24.03
CA PRO B 220 41.95 -22.31 -23.27
C PRO B 220 41.83 -20.80 -23.36
N ARG B 221 42.43 -20.14 -22.37
CA ARG B 221 42.50 -18.67 -22.38
C ARG B 221 43.59 -18.30 -23.39
N ASP B 222 43.31 -17.34 -24.25
CA ASP B 222 44.20 -16.94 -25.34
C ASP B 222 43.96 -15.46 -25.63
N ASN B 223 45.04 -14.70 -25.71
CA ASN B 223 44.91 -13.26 -25.93
C ASN B 223 44.31 -12.94 -27.30
N ILE B 224 44.49 -13.83 -28.27
CA ILE B 224 43.96 -13.57 -29.61
C ILE B 224 42.44 -13.40 -29.58
N VAL B 225 41.78 -13.87 -28.53
CA VAL B 225 40.34 -13.67 -28.41
C VAL B 225 40.04 -12.19 -28.25
N GLN B 226 40.61 -11.55 -27.23
CA GLN B 226 40.41 -10.12 -27.03
C GLN B 226 40.90 -9.32 -28.23
N LYS B 227 41.96 -9.81 -28.90
CA LYS B 227 42.42 -9.17 -30.12
C LYS B 227 41.33 -9.16 -31.18
N ALA B 228 40.74 -10.33 -31.45
CA ALA B 228 39.72 -10.44 -32.48
C ALA B 228 38.48 -9.61 -32.13
N GLU B 229 38.07 -9.63 -30.86
CA GLU B 229 36.86 -8.91 -30.48
C GLU B 229 37.08 -7.41 -30.50
N PHE B 230 38.31 -6.97 -30.29
CA PHE B 230 38.60 -5.52 -30.40
C PHE B 230 38.32 -5.12 -31.86
N ASN B 231 38.43 -6.08 -32.77
CA ASN B 231 38.13 -5.82 -34.20
C ASN B 231 36.69 -6.25 -34.49
N LYS B 232 35.89 -6.46 -33.44
CA LYS B 232 34.48 -6.91 -33.61
C LYS B 232 34.47 -8.14 -34.52
N MET B 233 35.29 -9.13 -34.21
CA MET B 233 35.40 -10.29 -35.08
C MET B 233 35.46 -11.53 -34.22
N THR B 234 35.07 -12.66 -34.80
CA THR B 234 35.38 -13.93 -34.16
C THR B 234 36.84 -14.29 -34.43
N VAL B 235 37.38 -15.18 -33.59
CA VAL B 235 38.74 -15.67 -33.82
C VAL B 235 38.80 -16.39 -35.15
N ILE B 236 37.71 -17.07 -35.53
CA ILE B 236 37.69 -17.82 -36.78
C ILE B 236 37.95 -16.88 -37.96
N GLU B 237 37.23 -15.76 -38.01
CA GLU B 237 37.40 -14.82 -39.11
C GLU B 237 38.71 -14.04 -38.97
N PHE B 238 39.07 -13.66 -37.74
CA PHE B 238 40.29 -12.87 -37.54
C PHE B 238 41.51 -13.62 -38.05
N ASP B 239 41.62 -14.90 -37.70
CA ASP B 239 42.76 -15.71 -38.11
C ASP B 239 42.40 -17.19 -38.04
N PRO B 240 41.83 -17.76 -39.11
CA PRO B 240 41.41 -19.17 -39.04
C PRO B 240 42.56 -20.14 -38.78
N GLU B 241 43.81 -19.69 -38.90
CA GLU B 241 44.96 -20.57 -38.79
C GLU B 241 45.58 -20.61 -37.40
N CYS B 242 45.17 -19.72 -36.50
CA CYS B 242 45.76 -19.68 -35.18
C CYS B 242 45.26 -20.85 -34.33
N ASN B 243 46.02 -21.15 -33.27
CA ASN B 243 45.72 -22.34 -32.47
C ASN B 243 44.35 -22.26 -31.83
N GLN B 244 43.96 -21.06 -31.35
CA GLN B 244 42.64 -20.93 -30.75
C GLN B 244 41.53 -21.22 -31.75
N ALA B 245 41.76 -20.94 -33.03
CA ALA B 245 40.75 -21.27 -34.04
C ALA B 245 40.57 -22.79 -34.13
N LYS B 246 41.67 -23.53 -34.10
CA LYS B 246 41.56 -24.99 -34.10
C LYS B 246 40.90 -25.50 -32.82
N GLU B 247 41.07 -24.78 -31.72
CA GLU B 247 40.41 -25.18 -30.47
C GLU B 247 38.90 -25.08 -30.63
N TYR B 248 38.42 -23.97 -31.20
CA TYR B 248 36.99 -23.83 -31.46
C TYR B 248 36.53 -24.84 -32.51
N ARG B 249 37.39 -25.17 -33.47
CA ARG B 249 37.01 -26.16 -34.49
C ARG B 249 36.77 -27.52 -33.85
N THR B 250 37.68 -27.94 -32.96
CA THR B 250 37.46 -29.19 -32.24
C THR B 250 36.16 -29.15 -31.44
N LEU B 251 35.90 -28.03 -30.76
CA LEU B 251 34.66 -27.87 -30.02
C LEU B 251 33.46 -28.04 -30.94
N ALA B 252 33.44 -27.28 -32.05
CA ALA B 252 32.33 -27.35 -32.98
C ALA B 252 32.14 -28.76 -33.52
N LYS B 253 33.24 -29.47 -33.78
CA LYS B 253 33.13 -30.81 -34.34
C LYS B 253 32.62 -31.80 -33.31
N ASN B 254 33.03 -31.64 -32.05
CA ASN B 254 32.56 -32.54 -31.01
C ASN B 254 31.08 -32.37 -30.74
N ILE B 255 30.59 -31.12 -30.77
CA ILE B 255 29.17 -30.88 -30.61
C ILE B 255 28.40 -31.51 -31.76
N ASP B 256 28.82 -31.22 -33.00
CA ASP B 256 28.10 -31.72 -34.17
C ASP B 256 28.04 -33.24 -34.20
N GLU B 257 29.10 -33.90 -33.73
CA GLU B 257 29.16 -35.35 -33.74
C GLU B 257 28.58 -35.99 -32.49
N ASN B 258 28.26 -35.21 -31.47
CA ASN B 258 27.85 -35.79 -30.19
C ASN B 258 26.55 -36.56 -30.34
N ASP B 259 26.49 -37.71 -29.63
CA ASP B 259 25.26 -38.53 -29.59
C ASP B 259 25.02 -38.95 -28.14
N GLU B 260 25.96 -38.65 -27.24
CA GLU B 260 25.81 -38.97 -25.83
C GLU B 260 25.02 -37.86 -25.16
N LEU B 261 23.70 -37.99 -25.19
CA LEU B 261 22.79 -37.03 -24.55
C LEU B 261 22.19 -37.72 -23.33
N VAL B 262 22.51 -37.19 -22.15
CA VAL B 262 22.24 -37.89 -20.90
C VAL B 262 21.33 -37.05 -20.01
N LYS B 263 20.67 -37.73 -19.08
CA LYS B 263 20.02 -37.08 -17.94
C LYS B 263 21.08 -36.88 -16.86
N PRO B 264 21.44 -35.64 -16.54
CA PRO B 264 22.51 -35.44 -15.55
C PRO B 264 22.09 -35.85 -14.15
N THR B 265 23.10 -36.08 -13.32
CA THR B 265 22.93 -36.31 -11.88
C THR B 265 23.57 -35.14 -11.15
N PRO B 266 22.84 -34.05 -10.92
CA PRO B 266 23.45 -32.89 -10.25
C PRO B 266 23.97 -33.26 -8.87
N MET B 267 25.02 -32.55 -8.46
CA MET B 267 25.58 -32.77 -7.13
C MET B 267 24.82 -31.97 -6.09
N THR B 268 24.85 -32.45 -4.86
CA THR B 268 24.30 -31.69 -3.76
C THR B 268 25.23 -30.53 -3.42
N MET B 269 24.76 -29.63 -2.57
CA MET B 269 25.60 -28.51 -2.15
C MET B 269 26.81 -28.99 -1.36
N ASP B 270 26.69 -30.13 -0.69
CA ASP B 270 27.80 -30.65 0.12
C ASP B 270 28.91 -31.19 -0.76
N GLU B 271 28.56 -32.04 -1.72
CA GLU B 271 29.59 -32.57 -2.66
C GLU B 271 30.26 -31.38 -3.36
N LEU B 272 29.45 -30.41 -3.78
CA LEU B 272 30.00 -29.25 -4.53
C LEU B 272 30.97 -28.49 -3.62
N GLU B 273 30.64 -28.36 -2.34
CA GLU B 273 31.55 -27.68 -1.37
C GLU B 273 32.87 -28.46 -1.31
N GLU B 274 32.80 -29.79 -1.23
CA GLU B 274 34.00 -30.60 -1.21
C GLU B 274 34.85 -30.36 -2.46
N LEU B 275 34.21 -30.33 -3.63
CA LEU B 275 34.95 -30.23 -4.88
C LEU B 275 35.69 -28.89 -4.97
N VAL B 276 35.04 -27.80 -4.57
CA VAL B 276 35.69 -26.50 -4.64
C VAL B 276 36.73 -26.37 -3.53
N VAL B 277 36.51 -27.03 -2.39
CA VAL B 277 37.52 -27.03 -1.33
C VAL B 277 38.70 -27.89 -1.73
N LYS B 278 38.49 -28.90 -2.55
CA LYS B 278 39.64 -29.80 -2.82
C LYS B 278 40.52 -29.26 -3.96
N TYR B 279 39.94 -28.48 -4.88
CA TYR B 279 40.77 -27.86 -5.95
C TYR B 279 41.29 -26.50 -5.48
N GLY B 280 41.06 -26.15 -4.20
CA GLY B 280 41.64 -24.91 -3.63
C GLY B 280 41.16 -23.63 -4.28
N GLU C 5 -2.45 25.85 30.76
CA GLU C 5 -2.40 25.71 32.25
C GLU C 5 -2.57 24.24 32.63
N ILE C 6 -3.53 23.54 32.00
CA ILE C 6 -3.77 22.10 32.30
C ILE C 6 -2.54 21.29 31.87
N ALA C 7 -2.21 20.24 32.63
CA ALA C 7 -1.05 19.37 32.28
C ALA C 7 0.00 20.18 31.53
N PRO C 8 0.76 21.07 32.21
CA PRO C 8 1.71 21.95 31.53
C PRO C 8 2.88 21.19 30.88
N ASP C 9 3.23 20.02 31.42
CA ASP C 9 4.40 19.26 30.89
C ASP C 9 3.93 18.13 29.97
N ALA C 10 2.61 17.96 29.82
CA ALA C 10 2.08 16.91 28.97
C ALA C 10 1.87 17.41 27.56
N LYS C 11 1.77 16.45 26.63
CA LYS C 11 1.27 16.74 25.30
C LYS C 11 -0.26 16.70 25.35
N LYS C 12 -0.89 17.87 25.25
CA LYS C 12 -2.34 17.96 25.21
C LYS C 12 -2.81 17.93 23.77
N VAL C 13 -3.78 17.06 23.49
CA VAL C 13 -4.24 16.80 22.13
C VAL C 13 -5.74 16.67 22.14
N ALA C 14 -6.39 17.22 21.12
CA ALA C 14 -7.81 17.02 20.87
C ALA C 14 -7.97 16.22 19.59
N ILE C 15 -8.83 15.20 19.63
CA ILE C 15 -9.10 14.35 18.48
C ILE C 15 -10.51 14.67 18.01
N TYR C 16 -10.62 15.21 16.80
CA TYR C 16 -11.89 15.56 16.20
C TYR C 16 -12.20 14.58 15.06
N GLY C 17 -13.49 14.41 14.78
CA GLY C 17 -13.87 13.61 13.64
C GLY C 17 -15.33 13.25 13.66
N LYS C 18 -15.79 12.74 12.51
CA LYS C 18 -17.20 12.30 12.41
C LYS C 18 -17.39 11.02 13.22
N GLY C 19 -18.63 10.73 13.59
CA GLY C 19 -18.96 9.56 14.37
C GLY C 19 -19.16 8.37 13.47
N GLY C 20 -19.18 7.19 14.08
CA GLY C 20 -19.38 5.97 13.34
C GLY C 20 -18.19 5.60 12.50
N ILE C 21 -16.99 6.11 12.84
CA ILE C 21 -15.79 5.85 11.99
C ILE C 21 -14.64 5.30 12.83
N GLY C 22 -14.90 4.95 14.10
CA GLY C 22 -13.86 4.38 14.92
C GLY C 22 -12.94 5.38 15.59
N LYS C 23 -13.34 6.65 15.63
CA LYS C 23 -12.51 7.67 16.27
C LYS C 23 -12.20 7.31 17.72
N SER C 24 -13.25 6.98 18.49
CA SER C 24 -13.03 6.65 19.90
C SER C 24 -12.20 5.39 20.05
N THR C 25 -12.32 4.43 19.12
CA THR C 25 -11.49 3.24 19.17
C THR C 25 -10.02 3.61 18.96
N THR C 26 -9.73 4.37 17.91
CA THR C 26 -8.35 4.79 17.67
C THR C 26 -7.81 5.59 18.83
N THR C 27 -8.63 6.46 19.43
CA THR C 27 -8.17 7.27 20.56
C THR C 27 -7.83 6.38 21.74
N GLN C 28 -8.73 5.46 22.09
CA GLN C 28 -8.49 4.58 23.23
C GLN C 28 -7.27 3.71 23.01
N ASN C 29 -7.12 3.16 21.81
CA ASN C 29 -5.98 2.28 21.55
C ASN C 29 -4.69 3.06 21.47
N THR C 30 -4.73 4.28 20.93
CA THR C 30 -3.54 5.12 20.94
C THR C 30 -3.08 5.40 22.36
N ALA C 31 -4.03 5.71 23.25
CA ALA C 31 -3.68 5.96 24.64
C ALA C 31 -3.14 4.70 25.30
N ALA C 32 -3.71 3.54 24.98
CA ALA C 32 -3.22 2.29 25.54
C ALA C 32 -1.81 2.00 25.06
N ALA C 33 -1.53 2.24 23.78
CA ALA C 33 -0.19 2.02 23.25
C ALA C 33 0.84 2.84 24.02
N LEU C 34 0.55 4.13 24.25
CA LEU C 34 1.48 4.99 24.96
C LEU C 34 1.80 4.44 26.34
N ALA C 35 0.75 4.08 27.10
CA ALA C 35 0.96 3.59 28.46
C ALA C 35 1.66 2.24 28.46
N TYR C 36 1.24 1.33 27.57
CA TYR C 36 1.82 -0.02 27.58
C TYR C 36 3.23 -0.02 27.00
N PHE C 37 3.39 0.53 25.80
CA PHE C 37 4.66 0.39 25.09
C PHE C 37 5.70 1.39 25.56
N PHE C 38 5.28 2.57 26.04
CA PHE C 38 6.21 3.63 26.39
C PHE C 38 6.06 4.12 27.82
N ASP C 39 5.30 3.40 28.66
CA ASP C 39 5.21 3.70 30.08
C ASP C 39 4.74 5.13 30.33
N LYS C 40 3.87 5.64 29.47
CA LYS C 40 3.40 7.02 29.59
C LYS C 40 2.24 7.13 30.58
N LYS C 41 2.22 8.26 31.28
CA LYS C 41 1.07 8.59 32.17
C LYS C 41 0.05 9.24 31.24
N VAL C 42 -1.09 8.59 31.01
CA VAL C 42 -2.06 9.03 30.02
C VAL C 42 -3.40 9.26 30.69
N MET C 43 -4.18 10.19 30.12
CA MET C 43 -5.52 10.49 30.59
C MET C 43 -6.40 10.80 29.39
N ILE C 44 -7.61 10.26 29.41
CA ILE C 44 -8.60 10.48 28.36
C ILE C 44 -9.78 11.24 28.96
N HIS C 45 -10.13 12.36 28.30
CA HIS C 45 -11.33 13.14 28.70
C HIS C 45 -12.27 13.13 27.50
N GLY C 46 -13.34 12.33 27.57
CA GLY C 46 -14.27 12.18 26.46
C GLY C 46 -15.17 13.39 26.33
N CYS C 47 -15.26 13.93 25.12
CA CYS C 47 -16.10 15.09 24.84
C CYS C 47 -17.02 14.82 23.66
N ASP C 48 -17.45 13.57 23.50
CA ASP C 48 -18.40 13.17 22.47
C ASP C 48 -19.62 12.57 23.14
N PRO C 49 -20.74 13.29 23.25
CA PRO C 49 -21.91 12.73 23.95
C PRO C 49 -22.45 11.46 23.29
N LYS C 50 -22.24 11.28 21.99
CA LYS C 50 -22.77 10.13 21.28
C LYS C 50 -21.75 9.01 21.10
N ALA C 51 -20.69 9.02 21.92
CA ALA C 51 -19.66 7.98 21.85
C ALA C 51 -18.93 7.82 23.19
N ASP C 52 -18.63 6.59 23.60
CA ASP C 52 -17.86 6.36 24.85
C ASP C 52 -16.38 6.25 24.48
N SER C 53 -15.50 6.99 25.18
CA SER C 53 -14.06 6.99 24.83
C SER C 53 -13.21 6.42 25.97
N THR C 54 -13.83 5.69 26.90
CA THR C 54 -13.08 5.17 28.07
C THR C 54 -13.53 3.74 28.43
N ARG C 55 -14.61 3.26 27.82
CA ARG C 55 -15.18 1.94 28.20
C ARG C 55 -14.12 0.84 27.98
N MET C 56 -13.46 0.84 26.83
CA MET C 56 -12.46 -0.21 26.52
C MET C 56 -11.29 -0.07 27.50
N ILE C 57 -10.96 1.15 27.91
CA ILE C 57 -9.91 1.33 28.92
C ILE C 57 -10.35 0.76 30.26
N LEU C 58 -11.66 0.82 30.56
CA LEU C 58 -12.21 0.38 31.82
C LEU C 58 -12.87 -1.00 31.73
N HIS C 59 -12.55 -1.77 30.68
CA HIS C 59 -13.04 -3.14 30.51
C HIS C 59 -14.56 -3.20 30.43
N GLY C 60 -15.15 -2.26 29.71
CA GLY C 60 -16.57 -2.32 29.44
C GLY C 60 -17.47 -1.89 30.58
N LYS C 61 -16.92 -1.21 31.59
CA LYS C 61 -17.74 -0.67 32.67
C LYS C 61 -18.11 0.77 32.34
N PRO C 62 -19.32 1.02 31.80
CA PRO C 62 -19.73 2.40 31.53
C PRO C 62 -19.44 3.36 32.68
N GLN C 63 -18.70 4.42 32.36
CA GLN C 63 -18.28 5.41 33.37
C GLN C 63 -19.35 6.49 33.57
N ASP C 64 -19.77 6.73 34.81
CA ASP C 64 -20.64 7.86 35.09
C ASP C 64 -20.05 9.12 34.48
N THR C 65 -20.86 9.90 33.81
CA THR C 65 -20.40 11.15 33.22
C THR C 65 -20.45 12.27 34.26
N VAL C 66 -19.66 13.31 34.02
CA VAL C 66 -19.62 14.44 34.94
C VAL C 66 -20.99 15.12 34.98
N MET C 67 -21.59 15.36 33.81
CA MET C 67 -22.82 16.13 33.76
C MET C 67 -24.00 15.34 34.30
N ASP C 68 -24.01 14.02 34.09
CA ASP C 68 -25.06 13.20 34.69
C ASP C 68 -24.93 13.22 36.22
N VAL C 69 -23.73 12.99 36.74
CA VAL C 69 -23.51 13.05 38.18
C VAL C 69 -23.87 14.44 38.71
N LEU C 70 -23.45 15.49 37.98
CA LEU C 70 -23.80 16.85 38.35
C LEU C 70 -25.31 17.00 38.52
N ARG C 71 -26.08 16.47 37.57
CA ARG C 71 -27.52 16.69 37.56
C ARG C 71 -28.25 15.82 38.57
N GLU C 72 -27.78 14.59 38.80
CA GLU C 72 -28.48 13.70 39.72
C GLU C 72 -28.10 13.95 41.18
N GLU C 73 -26.86 14.38 41.43
CA GLU C 73 -26.35 14.46 42.80
C GLU C 73 -25.98 15.87 43.22
N GLY C 74 -25.90 16.83 42.31
CA GLY C 74 -25.51 18.18 42.63
C GLY C 74 -24.02 18.41 42.47
N GLU C 75 -23.66 19.69 42.36
CA GLU C 75 -22.26 20.04 42.11
C GLU C 75 -21.36 19.64 43.27
N GLU C 76 -21.86 19.73 44.50
CA GLU C 76 -21.05 19.38 45.65
C GLU C 76 -20.60 17.93 45.57
N ALA C 77 -21.45 17.04 45.06
CA ALA C 77 -21.19 15.61 45.09
C ALA C 77 -20.26 15.14 43.98
N VAL C 78 -19.90 16.01 43.04
CA VAL C 78 -19.04 15.65 41.91
C VAL C 78 -17.61 15.55 42.46
N THR C 79 -17.12 14.32 42.64
CA THR C 79 -15.78 14.08 43.14
C THR C 79 -14.94 13.35 42.09
N LEU C 80 -13.62 13.51 42.20
CA LEU C 80 -12.72 12.77 41.32
C LEU C 80 -12.95 11.26 41.46
N GLU C 81 -13.17 10.79 42.68
CA GLU C 81 -13.42 9.37 42.90
C GLU C 81 -14.59 8.89 42.03
N LYS C 82 -15.58 9.76 41.83
CA LYS C 82 -16.78 9.37 41.09
C LYS C 82 -16.61 9.54 39.58
N VAL C 83 -15.97 10.63 39.14
CA VAL C 83 -15.96 10.97 37.72
C VAL C 83 -14.66 10.59 37.02
N ARG C 84 -13.57 10.38 37.76
CA ARG C 84 -12.28 10.02 37.18
C ARG C 84 -11.94 8.60 37.60
N LYS C 85 -11.92 7.69 36.64
CA LYS C 85 -11.65 6.28 36.89
C LYS C 85 -10.29 5.91 36.32
N ILE C 86 -9.77 4.77 36.80
CA ILE C 86 -8.48 4.25 36.39
C ILE C 86 -8.72 2.93 35.67
N GLY C 87 -8.14 2.78 34.49
CA GLY C 87 -8.29 1.57 33.71
C GLY C 87 -6.96 0.94 33.34
N PHE C 88 -6.93 0.34 32.14
CA PHE C 88 -5.76 -0.38 31.68
C PHE C 88 -4.50 0.47 31.82
N LYS C 89 -3.49 -0.10 32.47
CA LYS C 89 -2.18 0.54 32.60
C LYS C 89 -2.30 1.93 33.24
N ASP C 90 -3.21 2.06 34.20
CA ASP C 90 -3.34 3.24 35.03
C ASP C 90 -3.75 4.49 34.24
N ILE C 91 -4.34 4.31 33.06
CA ILE C 91 -4.84 5.44 32.31
C ILE C 91 -6.04 6.04 33.05
N LEU C 92 -6.10 7.37 33.10
CA LEU C 92 -7.18 8.07 33.77
C LEU C 92 -8.27 8.44 32.77
N CYS C 93 -9.52 8.27 33.18
CA CYS C 93 -10.66 8.36 32.28
C CYS C 93 -11.71 9.29 32.86
N VAL C 94 -12.15 10.24 32.04
CA VAL C 94 -13.26 11.12 32.37
C VAL C 94 -14.18 11.20 31.16
N GLU C 95 -15.49 11.27 31.41
CA GLU C 95 -16.49 11.46 30.38
C GLU C 95 -17.29 12.71 30.71
N SER C 96 -17.29 13.68 29.79
CA SER C 96 -18.02 14.95 30.04
C SER C 96 -19.52 14.69 30.12
N GLY C 97 -20.05 13.86 29.22
CA GLY C 97 -21.48 13.64 29.17
C GLY C 97 -22.17 14.63 28.25
N GLY C 98 -23.50 14.52 28.24
CA GLY C 98 -24.31 15.36 27.40
C GLY C 98 -24.99 16.46 28.19
N PRO C 99 -25.68 17.35 27.48
CA PRO C 99 -26.40 18.45 28.14
C PRO C 99 -27.76 17.96 28.63
N GLU C 100 -28.47 18.87 29.32
CA GLU C 100 -29.85 18.55 29.77
C GLU C 100 -30.64 18.25 28.49
N PRO C 101 -31.23 17.05 28.33
CA PRO C 101 -31.84 16.67 27.05
C PRO C 101 -32.84 17.67 26.51
N GLY C 102 -32.58 18.17 25.30
CA GLY C 102 -33.49 19.04 24.61
C GLY C 102 -33.38 20.51 24.94
N VAL C 103 -32.65 20.86 25.99
CA VAL C 103 -32.57 22.24 26.47
C VAL C 103 -31.18 22.82 26.29
N GLY C 104 -30.16 22.13 26.79
CA GLY C 104 -28.83 22.69 26.89
C GLY C 104 -28.00 22.54 25.64
N CYS C 105 -26.88 23.27 25.63
CA CYS C 105 -25.93 23.18 24.48
C CYS C 105 -24.87 22.13 24.83
N ALA C 106 -24.71 21.14 23.96
CA ALA C 106 -23.76 20.07 24.22
C ALA C 106 -22.33 20.59 24.30
N GLY C 107 -22.02 21.65 23.56
CA GLY C 107 -20.68 22.23 23.66
C GLY C 107 -20.42 22.82 25.03
N ARG C 108 -21.39 23.56 25.53
CA ARG C 108 -21.27 24.15 26.87
C ARG C 108 -21.10 23.04 27.90
N GLY C 109 -21.75 21.91 27.70
CA GLY C 109 -21.63 20.80 28.64
C GLY C 109 -20.23 20.25 28.74
N VAL C 110 -19.47 20.34 27.65
CA VAL C 110 -18.09 19.84 27.67
C VAL C 110 -17.20 20.79 28.46
N ILE C 111 -17.32 22.09 28.20
CA ILE C 111 -16.49 23.06 28.91
C ILE C 111 -16.79 23.03 30.41
N THR C 112 -18.05 22.79 30.77
CA THR C 112 -18.38 22.68 32.19
C THR C 112 -17.71 21.47 32.82
N ALA C 113 -17.66 20.35 32.09
CA ALA C 113 -16.97 19.17 32.61
C ALA C 113 -15.49 19.46 32.82
N VAL C 114 -14.84 20.08 31.84
CA VAL C 114 -13.43 20.42 31.98
C VAL C 114 -13.22 21.36 33.16
N ASP C 115 -14.03 22.42 33.25
CA ASP C 115 -13.85 23.40 34.32
C ASP C 115 -13.94 22.74 35.69
N MET C 116 -14.94 21.86 35.86
CA MET C 116 -15.07 21.15 37.14
C MET C 116 -13.83 20.31 37.42
N MET C 117 -13.30 19.63 36.39
CA MET C 117 -12.08 18.86 36.57
C MET C 117 -10.93 19.75 37.02
N ARG C 118 -10.85 20.96 36.48
CA ARG C 118 -9.82 21.90 36.91
C ARG C 118 -10.00 22.26 38.38
N GLU C 119 -11.24 22.48 38.82
CA GLU C 119 -11.47 22.84 40.22
C GLU C 119 -11.20 21.66 41.16
N LEU C 120 -11.38 20.44 40.67
CA LEU C 120 -11.08 19.24 41.43
C LEU C 120 -9.61 18.82 41.30
N GLU C 121 -8.78 19.63 40.65
CA GLU C 121 -7.38 19.29 40.43
C GLU C 121 -7.26 17.91 39.81
N GLY C 122 -8.08 17.66 38.79
CA GLY C 122 -8.21 16.34 38.22
C GLY C 122 -7.26 15.98 37.11
N TYR C 123 -6.50 16.97 36.63
CA TYR C 123 -5.48 16.68 35.58
C TYR C 123 -4.10 16.66 36.24
N PRO C 124 -3.51 15.49 36.56
CA PRO C 124 -2.22 15.46 37.26
C PRO C 124 -1.16 16.29 36.55
N ASP C 125 -0.25 16.86 37.34
CA ASP C 125 0.83 17.65 36.78
C ASP C 125 1.85 16.79 36.06
N ASP C 126 1.99 15.52 36.46
CA ASP C 126 2.96 14.61 35.88
C ASP C 126 2.43 13.86 34.67
N LEU C 127 1.24 14.20 34.19
CA LEU C 127 0.73 13.56 32.98
C LEU C 127 1.73 13.73 31.84
N ASP C 128 1.87 12.69 31.04
CA ASP C 128 2.65 12.79 29.81
C ASP C 128 1.77 13.10 28.61
N ASN C 129 0.53 12.57 28.60
CA ASN C 129 -0.37 12.75 27.47
C ASN C 129 -1.79 12.93 27.99
N LEU C 130 -2.49 13.90 27.40
CA LEU C 130 -3.89 14.16 27.70
C LEU C 130 -4.65 14.23 26.37
N PHE C 131 -5.69 13.42 26.25
CA PHE C 131 -6.48 13.35 25.02
C PHE C 131 -7.88 13.87 25.29
N PHE C 132 -8.35 14.75 24.40
CA PHE C 132 -9.74 15.20 24.38
C PHE C 132 -10.38 14.61 23.13
N ASP C 133 -11.30 13.66 23.33
CA ASP C 133 -12.02 13.00 22.24
C ASP C 133 -13.29 13.81 21.98
N VAL C 134 -13.24 14.65 20.95
CA VAL C 134 -14.29 15.63 20.69
C VAL C 134 -15.08 15.24 19.46
N LEU C 135 -16.40 15.40 19.54
CA LEU C 135 -17.26 15.08 18.41
C LEU C 135 -17.07 16.08 17.29
N GLY C 136 -16.95 15.58 16.06
CA GLY C 136 -16.76 16.42 14.90
C GLY C 136 -17.79 16.21 13.81
N ASP C 137 -18.98 15.72 14.18
CA ASP C 137 -20.05 15.55 13.20
C ASP C 137 -20.41 16.89 12.58
N VAL C 138 -20.64 17.91 13.40
CA VAL C 138 -20.99 19.25 12.94
C VAL C 138 -20.21 20.24 13.79
N VAL C 139 -19.46 21.13 13.13
CA VAL C 139 -18.58 22.05 13.82
C VAL C 139 -19.31 23.35 14.14
N CYS C 140 -20.36 23.23 14.94
CA CYS C 140 -21.10 24.44 15.39
C CYS C 140 -20.25 25.16 16.42
N GLY C 141 -20.73 26.30 16.92
CA GLY C 141 -20.02 27.01 17.97
C GLY C 141 -19.88 26.19 19.24
N GLY C 142 -20.84 25.32 19.50
CA GLY C 142 -20.76 24.44 20.65
C GLY C 142 -19.50 23.59 20.64
N PHE C 143 -19.36 22.73 19.63
CA PHE C 143 -18.25 21.79 19.59
C PHE C 143 -16.95 22.45 19.12
N ALA C 144 -16.98 23.71 18.72
CA ALA C 144 -15.77 24.47 18.49
C ALA C 144 -15.24 25.12 19.76
N MET C 145 -15.98 25.05 20.86
CA MET C 145 -15.54 25.68 22.09
C MET C 145 -14.19 25.16 22.56
N PRO C 146 -13.90 23.86 22.50
CA PRO C 146 -12.53 23.41 22.82
C PRO C 146 -11.48 24.10 21.99
N LEU C 147 -11.78 24.42 20.72
CA LEU C 147 -10.79 25.10 19.89
C LEU C 147 -10.62 26.55 20.29
N ARG C 148 -11.73 27.27 20.49
CA ARG C 148 -11.64 28.69 20.81
C ARG C 148 -11.04 28.90 22.20
N ASP C 149 -11.36 28.00 23.15
CA ASP C 149 -10.82 28.11 24.50
C ASP C 149 -9.41 27.58 24.62
N GLY C 150 -8.85 27.02 23.55
CA GLY C 150 -7.49 26.52 23.60
C GLY C 150 -7.30 25.32 24.50
N LEU C 151 -8.35 24.51 24.69
CA LEU C 151 -8.24 23.32 25.52
C LEU C 151 -6.98 22.55 25.18
N ALA C 152 -6.75 22.32 23.89
CA ALA C 152 -5.51 21.72 23.40
C ALA C 152 -5.15 22.44 22.11
N GLN C 153 -3.89 22.84 21.98
CA GLN C 153 -3.44 23.56 20.80
C GLN C 153 -3.02 22.64 19.67
N GLU C 154 -2.93 21.34 19.93
CA GLU C 154 -2.54 20.35 18.93
C GLU C 154 -3.74 19.50 18.60
N ILE C 155 -4.34 19.72 17.42
CA ILE C 155 -5.55 19.02 17.01
C ILE C 155 -5.18 17.95 15.99
N TYR C 156 -5.87 16.82 16.06
CA TYR C 156 -5.78 15.76 15.06
C TYR C 156 -7.18 15.42 14.59
N ILE C 157 -7.32 15.20 13.28
CA ILE C 157 -8.60 14.87 12.66
C ILE C 157 -8.57 13.40 12.27
N VAL C 158 -9.61 12.66 12.67
CA VAL C 158 -9.80 11.28 12.24
C VAL C 158 -10.80 11.29 11.09
N THR C 159 -10.46 10.57 10.01
CA THR C 159 -11.34 10.46 8.87
C THR C 159 -11.17 9.08 8.25
N SER C 160 -11.88 8.86 7.14
CA SER C 160 -11.80 7.60 6.41
C SER C 160 -12.01 7.93 4.94
N GLY C 161 -12.19 6.88 4.13
CA GLY C 161 -12.39 7.04 2.71
C GLY C 161 -13.77 7.45 2.27
N GLU C 162 -14.71 7.62 3.20
CA GLU C 162 -16.05 8.03 2.83
C GLU C 162 -16.11 9.54 2.63
N MET C 163 -17.06 9.96 1.80
CA MET C 163 -17.16 11.37 1.43
C MET C 163 -17.53 12.22 2.64
N MET C 164 -18.52 11.78 3.42
CA MET C 164 -18.95 12.57 4.56
C MET C 164 -17.85 12.67 5.62
N ALA C 165 -17.04 11.61 5.77
CA ALA C 165 -15.91 11.68 6.69
C ALA C 165 -14.90 12.72 6.23
N LEU C 166 -14.60 12.76 4.93
CA LEU C 166 -13.70 13.78 4.41
C LEU C 166 -14.33 15.16 4.48
N TYR C 167 -15.61 15.26 4.13
CA TYR C 167 -16.32 16.52 4.24
C TYR C 167 -16.28 17.05 5.67
N ALA C 168 -16.55 16.17 6.64
CA ALA C 168 -16.45 16.58 8.04
C ALA C 168 -15.01 16.91 8.41
N ALA C 169 -14.05 16.08 7.96
CA ALA C 169 -12.64 16.38 8.20
C ALA C 169 -12.28 17.75 7.66
N ASN C 170 -12.82 18.12 6.50
CA ASN C 170 -12.55 19.45 5.95
C ASN C 170 -13.18 20.53 6.80
N ASN C 171 -14.42 20.31 7.26
CA ASN C 171 -15.09 21.32 8.07
C ASN C 171 -14.36 21.56 9.38
N ILE C 172 -13.83 20.50 9.99
CA ILE C 172 -13.06 20.67 11.22
C ILE C 172 -11.82 21.51 10.96
N ALA C 173 -11.24 21.38 9.77
CA ALA C 173 -10.10 22.22 9.42
C ALA C 173 -10.50 23.69 9.35
N LYS C 174 -11.72 23.95 8.90
CA LYS C 174 -12.21 25.35 8.84
C LYS C 174 -12.29 25.91 10.27
N GLY C 175 -12.84 25.13 11.20
CA GLY C 175 -12.94 25.58 12.58
C GLY C 175 -11.59 25.84 13.21
N ILE C 176 -10.62 24.96 12.94
CA ILE C 176 -9.26 25.20 13.43
C ILE C 176 -8.71 26.49 12.87
N LEU C 177 -8.92 26.72 11.57
CA LEU C 177 -8.48 27.97 10.96
C LEU C 177 -9.19 29.17 11.56
N LYS C 178 -10.47 29.01 11.91
CA LYS C 178 -11.25 30.15 12.41
C LYS C 178 -10.72 30.66 13.74
N TYR C 179 -10.09 29.80 14.53
CA TYR C 179 -9.54 30.20 15.83
C TYR C 179 -8.03 29.99 15.92
N ALA C 180 -7.38 29.71 14.79
CA ALA C 180 -5.92 29.42 14.81
C ALA C 180 -5.14 30.58 15.45
N GLU C 181 -5.49 31.82 15.14
CA GLU C 181 -4.69 32.98 15.63
C GLU C 181 -5.15 33.39 17.05
N GLN C 182 -6.45 33.44 17.30
CA GLN C 182 -6.89 33.96 18.64
C GLN C 182 -6.61 32.92 19.72
N SER C 183 -6.54 31.63 19.36
CA SER C 183 -6.37 30.58 20.40
C SER C 183 -5.04 29.85 20.21
N GLY C 184 -4.32 30.14 19.13
CA GLY C 184 -3.09 29.40 18.90
C GLY C 184 -3.28 27.95 18.51
N VAL C 185 -4.52 27.58 18.17
CA VAL C 185 -4.83 26.17 17.80
C VAL C 185 -4.21 25.85 16.45
N ARG C 186 -3.71 24.62 16.28
CA ARG C 186 -3.10 24.19 15.03
C ARG C 186 -3.49 22.75 14.73
N LEU C 187 -3.23 22.34 13.49
CA LEU C 187 -3.52 20.99 13.02
C LEU C 187 -2.23 20.18 12.99
N GLY C 188 -2.20 19.09 13.76
CA GLY C 188 -1.02 18.25 13.79
C GLY C 188 -0.96 17.22 12.69
N GLY C 189 -2.11 16.82 12.17
CA GLY C 189 -2.14 15.83 11.11
C GLY C 189 -3.47 15.13 11.06
N ILE C 190 -3.63 14.31 10.01
CA ILE C 190 -4.86 13.56 9.78
C ILE C 190 -4.60 12.10 10.12
N ILE C 191 -5.59 11.48 10.76
CA ILE C 191 -5.59 10.04 11.03
C ILE C 191 -6.66 9.41 10.16
N CYS C 192 -6.30 8.34 9.45
CA CYS C 192 -7.23 7.65 8.58
C CYS C 192 -7.54 6.27 9.16
N ASN C 193 -8.81 6.06 9.51
CA ASN C 193 -9.26 4.71 9.91
C ASN C 193 -9.79 4.08 8.61
N ALA C 194 -9.04 3.17 7.99
CA ALA C 194 -9.38 2.64 6.64
C ALA C 194 -10.79 2.01 6.52
N ARG C 195 -11.50 2.33 5.44
CA ARG C 195 -12.80 1.67 5.16
C ARG C 195 -12.50 0.61 4.10
N ASN C 196 -11.25 0.60 3.60
CA ASN C 196 -10.79 -0.39 2.57
C ASN C 196 -11.21 0.09 1.18
N VAL C 197 -11.46 1.38 1.02
CA VAL C 197 -11.89 1.96 -0.30
C VAL C 197 -10.69 1.96 -1.25
N ASP C 198 -10.94 1.97 -2.56
CA ASP C 198 -9.87 1.97 -3.54
C ASP C 198 -9.17 3.33 -3.56
N GLY C 199 -7.85 3.31 -3.39
CA GLY C 199 -7.07 4.53 -3.40
C GLY C 199 -7.12 5.33 -2.12
N GLU C 200 -7.58 4.73 -1.03
CA GLU C 200 -7.71 5.46 0.23
C GLU C 200 -6.40 6.14 0.59
N LYS C 201 -5.31 5.38 0.65
CA LYS C 201 -4.02 5.97 0.99
C LYS C 201 -3.68 7.14 0.08
N GLU C 202 -3.74 6.91 -1.24
CA GLU C 202 -3.51 7.99 -2.19
C GLU C 202 -4.50 9.13 -1.96
N LEU C 203 -5.78 8.78 -1.78
CA LEU C 203 -6.78 9.79 -1.43
C LEU C 203 -6.33 10.60 -0.23
N MET C 204 -5.87 9.89 0.81
CA MET C 204 -5.46 10.58 2.07
C MET C 204 -4.24 11.46 1.80
N ASP C 205 -3.22 10.93 1.14
CA ASP C 205 -2.00 11.71 0.90
C ASP C 205 -2.31 12.99 0.15
N GLU C 206 -3.19 12.92 -0.85
CA GLU C 206 -3.58 14.13 -1.57
C GLU C 206 -4.46 15.02 -0.70
N PHE C 207 -5.39 14.41 0.04
CA PHE C 207 -6.23 15.19 0.95
C PHE C 207 -5.38 15.97 1.95
N CYS C 208 -4.41 15.29 2.56
CA CYS C 208 -3.54 15.98 3.52
C CYS C 208 -2.69 17.04 2.84
N ASP C 209 -2.32 16.80 1.58
CA ASP C 209 -1.50 17.77 0.83
C ASP C 209 -2.26 19.08 0.66
N LYS C 210 -3.47 19.02 0.10
CA LYS C 210 -4.24 20.23 -0.16
C LYS C 210 -4.66 20.92 1.14
N LEU C 211 -4.93 20.14 2.19
CA LEU C 211 -5.18 20.73 3.50
C LEU C 211 -3.93 21.35 4.11
N GLY C 212 -2.77 21.22 3.47
CA GLY C 212 -1.55 21.79 4.01
C GLY C 212 -0.95 21.03 5.17
N THR C 213 -1.36 19.79 5.39
CA THR C 213 -0.91 19.03 6.54
C THR C 213 -0.33 17.70 6.07
N LYS C 214 -0.32 16.74 7.00
CA LYS C 214 0.28 15.42 6.69
C LYS C 214 -0.54 14.30 7.33
N LEU C 215 -0.42 13.09 6.80
CA LEU C 215 -1.08 11.91 7.34
C LEU C 215 -0.20 11.34 8.46
N ILE C 216 -0.67 11.42 9.70
CA ILE C 216 0.14 10.96 10.82
C ILE C 216 0.21 9.44 10.85
N HIS C 217 -0.88 8.77 10.48
CA HIS C 217 -0.82 7.33 10.29
C HIS C 217 -2.07 6.84 9.58
N TYR C 218 -1.87 5.75 8.82
CA TYR C 218 -2.98 5.11 8.08
C TYR C 218 -3.37 3.86 8.87
N VAL C 219 -4.38 3.96 9.72
CA VAL C 219 -4.81 2.88 10.61
C VAL C 219 -5.57 1.86 9.75
N PRO C 220 -5.08 0.62 9.62
CA PRO C 220 -5.70 -0.31 8.69
C PRO C 220 -6.96 -0.93 9.27
N ARG C 221 -7.71 -1.57 8.38
CA ARG C 221 -8.87 -2.34 8.79
C ARG C 221 -8.44 -3.73 9.23
N ASP C 222 -8.83 -4.12 10.44
CA ASP C 222 -8.42 -5.39 11.01
C ASP C 222 -9.52 -5.86 11.97
N ASN C 223 -9.97 -7.11 11.80
CA ASN C 223 -11.05 -7.62 12.62
C ASN C 223 -10.65 -7.82 14.07
N ILE C 224 -9.36 -7.80 14.38
CA ILE C 224 -8.93 -7.90 15.78
C ILE C 224 -9.58 -6.80 16.60
N VAL C 225 -9.77 -5.62 16.00
CA VAL C 225 -10.41 -4.51 16.72
C VAL C 225 -11.79 -4.93 17.22
N GLN C 226 -12.61 -5.46 16.31
CA GLN C 226 -13.94 -5.92 16.70
C GLN C 226 -13.86 -7.08 17.69
N LYS C 227 -12.85 -7.93 17.56
CA LYS C 227 -12.69 -9.03 18.50
C LYS C 227 -12.28 -8.54 19.87
N ALA C 228 -11.45 -7.49 19.92
CA ALA C 228 -11.06 -6.91 21.21
C ALA C 228 -12.23 -6.13 21.82
N GLU C 229 -12.91 -5.32 21.01
CA GLU C 229 -14.09 -4.62 21.50
C GLU C 229 -15.11 -5.60 22.07
N PHE C 230 -15.25 -6.78 21.45
CA PHE C 230 -16.18 -7.78 21.96
C PHE C 230 -15.78 -8.25 23.35
N ASN C 231 -14.49 -8.38 23.60
CA ASN C 231 -13.99 -8.71 24.93
C ASN C 231 -13.93 -7.50 25.83
N LYS C 232 -14.55 -6.39 25.44
CA LYS C 232 -14.50 -5.15 26.21
C LYS C 232 -13.05 -4.81 26.57
N MET C 233 -12.23 -4.74 25.53
CA MET C 233 -10.81 -4.46 25.68
C MET C 233 -10.33 -3.63 24.50
N THR C 234 -9.24 -2.92 24.73
CA THR C 234 -8.46 -2.38 23.62
C THR C 234 -7.67 -3.52 22.96
N VAL C 235 -7.33 -3.31 21.69
CA VAL C 235 -6.44 -4.26 21.01
C VAL C 235 -5.14 -4.41 21.79
N ILE C 236 -4.65 -3.31 22.36
CA ILE C 236 -3.38 -3.34 23.08
C ILE C 236 -3.45 -4.33 24.24
N GLU C 237 -4.54 -4.29 25.00
CA GLU C 237 -4.70 -5.23 26.11
C GLU C 237 -5.03 -6.63 25.62
N PHE C 238 -5.83 -6.74 24.56
CA PHE C 238 -6.24 -8.04 24.06
C PHE C 238 -5.06 -8.84 23.53
N ASP C 239 -4.30 -8.26 22.61
CA ASP C 239 -3.14 -8.93 22.01
C ASP C 239 -2.13 -7.86 21.65
N PRO C 240 -1.18 -7.57 22.54
CA PRO C 240 -0.20 -6.52 22.23
C PRO C 240 0.81 -6.90 21.16
N GLU C 241 0.81 -8.14 20.68
CA GLU C 241 1.78 -8.58 19.68
C GLU C 241 1.21 -8.65 18.27
N CYS C 242 -0.08 -8.41 18.09
CA CYS C 242 -0.61 -8.40 16.72
C CYS C 242 -0.25 -7.10 16.04
N ASN C 243 -0.31 -7.11 14.70
CA ASN C 243 0.14 -5.97 13.93
C ASN C 243 -0.69 -4.73 14.22
N GLN C 244 -2.01 -4.90 14.40
CA GLN C 244 -2.87 -3.74 14.66
C GLN C 244 -2.43 -3.00 15.92
N ALA C 245 -1.87 -3.71 16.89
CA ALA C 245 -1.33 -3.03 18.07
C ALA C 245 -0.09 -2.22 17.72
N LYS C 246 0.77 -2.77 16.85
CA LYS C 246 1.91 -1.99 16.37
C LYS C 246 1.45 -0.79 15.54
N GLU C 247 0.34 -0.94 14.81
CA GLU C 247 -0.20 0.20 14.09
C GLU C 247 -0.58 1.32 15.04
N TYR C 248 -1.21 0.99 16.17
CA TYR C 248 -1.50 2.00 17.18
C TYR C 248 -0.22 2.48 17.86
N ARG C 249 0.75 1.58 18.03
CA ARG C 249 2.06 2.00 18.53
C ARG C 249 2.67 3.08 17.64
N THR C 250 2.77 2.79 16.34
CA THR C 250 3.36 3.76 15.42
C THR C 250 2.59 5.07 15.43
N LEU C 251 1.25 4.99 15.46
CA LEU C 251 0.44 6.20 15.56
C LEU C 251 0.74 6.95 16.85
N ALA C 252 0.83 6.22 17.97
CA ALA C 252 1.13 6.86 19.24
C ALA C 252 2.50 7.53 19.19
N LYS C 253 3.51 6.81 18.73
CA LYS C 253 4.85 7.40 18.64
C LYS C 253 4.86 8.61 17.72
N ASN C 254 4.13 8.53 16.60
CA ASN C 254 4.13 9.63 15.61
C ASN C 254 3.56 10.91 16.23
N ILE C 255 2.43 10.81 16.93
CA ILE C 255 1.79 12.01 17.55
C ILE C 255 2.71 12.55 18.64
N ASP C 256 3.30 11.67 19.44
CA ASP C 256 4.22 12.09 20.53
C ASP C 256 5.42 12.81 19.91
N GLU C 257 5.91 12.32 18.76
CA GLU C 257 7.13 12.91 18.13
C GLU C 257 6.73 13.94 17.07
N ASN C 258 5.45 14.32 17.01
CA ASN C 258 4.99 15.27 15.97
C ASN C 258 5.15 16.74 16.37
N ASP C 259 6.13 17.43 15.79
CA ASP C 259 6.31 18.88 16.04
C ASP C 259 5.81 19.72 14.88
N GLU C 260 5.12 19.10 13.92
CA GLU C 260 4.65 19.82 12.71
C GLU C 260 3.22 20.32 12.91
N LEU C 261 3.05 21.55 13.38
CA LEU C 261 1.71 22.14 13.60
C LEU C 261 1.47 23.24 12.57
N VAL C 262 0.39 23.14 11.78
CA VAL C 262 0.15 24.10 10.71
C VAL C 262 -1.21 24.76 10.90
N LYS C 263 -1.37 25.91 10.27
CA LYS C 263 -2.70 26.45 10.00
C LYS C 263 -3.22 25.81 8.73
N PRO C 264 -4.30 25.02 8.79
CA PRO C 264 -4.72 24.28 7.59
C PRO C 264 -5.16 25.21 6.48
N THR C 265 -5.35 24.62 5.30
CA THR C 265 -5.91 25.29 4.14
C THR C 265 -7.11 24.48 3.69
N PRO C 266 -8.29 24.73 4.25
CA PRO C 266 -9.45 23.90 3.90
C PRO C 266 -9.72 23.89 2.40
N MET C 267 -10.17 22.74 1.92
CA MET C 267 -10.46 22.58 0.48
C MET C 267 -11.85 23.12 0.17
N THR C 268 -12.05 23.62 -1.05
CA THR C 268 -13.34 24.11 -1.49
C THR C 268 -14.26 22.93 -1.80
N MET C 269 -15.57 23.23 -1.88
CA MET C 269 -16.54 22.18 -2.17
C MET C 269 -16.23 21.51 -3.51
N ASP C 270 -16.04 22.31 -4.56
CA ASP C 270 -15.68 21.74 -5.86
C ASP C 270 -14.38 20.97 -5.76
N GLU C 271 -13.40 21.54 -5.05
CA GLU C 271 -12.10 20.84 -4.85
C GLU C 271 -12.39 19.50 -4.18
N LEU C 272 -13.32 19.49 -3.22
CA LEU C 272 -13.66 18.24 -2.48
C LEU C 272 -14.31 17.25 -3.45
N GLU C 273 -15.24 17.73 -4.29
CA GLU C 273 -15.93 16.83 -5.26
C GLU C 273 -14.91 16.30 -6.27
N GLU C 274 -14.06 17.16 -6.81
CA GLU C 274 -13.03 16.70 -7.74
C GLU C 274 -12.25 15.53 -7.16
N LEU C 275 -11.84 15.65 -5.89
CA LEU C 275 -11.17 14.53 -5.22
C LEU C 275 -12.08 13.30 -5.19
N VAL C 276 -13.38 13.51 -4.96
CA VAL C 276 -14.31 12.39 -4.95
C VAL C 276 -14.56 11.80 -6.33
N VAL C 277 -14.31 12.57 -7.39
CA VAL C 277 -14.51 12.08 -8.74
C VAL C 277 -13.27 11.27 -9.07
N LYS C 278 -12.09 11.85 -8.83
CA LYS C 278 -10.85 11.21 -9.24
C LYS C 278 -10.62 9.90 -8.51
N TYR C 279 -11.15 9.81 -7.29
CA TYR C 279 -10.93 8.60 -6.45
C TYR C 279 -12.21 7.77 -6.34
N GLY C 280 -13.33 8.29 -6.86
CA GLY C 280 -14.60 7.54 -6.83
C GLY C 280 -15.39 7.81 -5.55
N LEU C 281 -16.64 7.35 -5.47
CA LEU C 281 -17.48 7.64 -4.29
C LEU C 281 -18.03 6.33 -3.71
N SER D 2 -47.50 28.91 11.84
CA SER D 2 -46.83 27.71 12.29
C SER D 2 -46.29 26.91 11.11
N PHE D 3 -45.48 25.90 11.39
CA PHE D 3 -44.91 25.04 10.31
C PHE D 3 -46.02 24.16 9.72
N ASP D 4 -47.21 24.22 10.30
CA ASP D 4 -48.32 23.36 9.80
C ASP D 4 -48.95 24.00 8.56
N GLU D 5 -48.66 25.28 8.32
CA GLU D 5 -49.27 25.98 7.16
C GLU D 5 -48.53 25.60 5.87
N ILE D 6 -47.30 25.07 5.99
CA ILE D 6 -46.55 24.64 4.81
C ILE D 6 -47.36 23.59 4.07
N ALA D 7 -47.59 23.81 2.77
CA ALA D 7 -48.28 22.86 1.90
C ALA D 7 -49.29 22.03 2.69
N PRO D 8 -50.42 22.62 3.09
CA PRO D 8 -51.32 21.92 4.01
C PRO D 8 -51.95 20.66 3.43
N ASP D 9 -52.13 20.59 2.12
CA ASP D 9 -52.75 19.43 1.49
C ASP D 9 -51.73 18.35 1.11
N ALA D 10 -50.47 18.53 1.47
CA ALA D 10 -49.43 17.55 1.18
C ALA D 10 -49.18 16.66 2.38
N LYS D 11 -48.74 15.43 2.10
CA LYS D 11 -48.31 14.50 3.14
C LYS D 11 -46.91 14.93 3.57
N LYS D 12 -46.85 15.72 4.64
CA LYS D 12 -45.59 16.27 5.13
C LYS D 12 -45.03 15.37 6.23
N VAL D 13 -43.81 14.88 6.03
CA VAL D 13 -43.18 13.92 6.92
C VAL D 13 -41.79 14.40 7.28
N ALA D 14 -41.38 14.15 8.52
CA ALA D 14 -40.01 14.33 8.97
C ALA D 14 -39.43 12.97 9.33
N ILE D 15 -38.17 12.74 8.95
CA ILE D 15 -37.51 11.46 9.14
C ILE D 15 -36.28 11.70 10.00
N TYR D 16 -36.28 11.14 11.22
CA TYR D 16 -35.20 11.27 12.18
C TYR D 16 -34.42 9.97 12.27
N GLY D 17 -33.18 10.07 12.72
CA GLY D 17 -32.41 8.87 13.00
C GLY D 17 -30.93 9.17 13.12
N LYS D 18 -30.23 8.18 13.69
CA LYS D 18 -28.77 8.31 13.85
C LYS D 18 -28.10 8.31 12.47
N GLY D 19 -26.93 8.91 12.37
CA GLY D 19 -26.18 8.97 11.15
C GLY D 19 -25.44 7.67 10.86
N GLY D 20 -25.04 7.49 9.61
CA GLY D 20 -24.28 6.27 9.23
C GLY D 20 -25.14 5.02 9.19
N ILE D 21 -26.46 5.15 9.18
CA ILE D 21 -27.37 3.96 9.07
C ILE D 21 -28.12 4.05 7.73
N GLY D 22 -27.72 4.98 6.85
CA GLY D 22 -28.34 5.09 5.51
C GLY D 22 -29.66 5.82 5.53
N LYS D 23 -29.87 6.69 6.53
CA LYS D 23 -31.14 7.40 6.61
C LYS D 23 -31.41 8.20 5.35
N SER D 24 -30.41 8.97 4.89
CA SER D 24 -30.62 9.80 3.71
C SER D 24 -30.82 8.96 2.46
N THR D 25 -30.23 7.77 2.41
CA THR D 25 -30.46 6.88 1.27
C THR D 25 -31.91 6.42 1.23
N THR D 26 -32.45 6.01 2.38
CA THR D 26 -33.84 5.56 2.42
C THR D 26 -34.79 6.69 2.07
N THR D 27 -34.53 7.89 2.59
CA THR D 27 -35.40 9.03 2.30
C THR D 27 -35.43 9.33 0.81
N GLN D 28 -34.26 9.41 0.19
CA GLN D 28 -34.19 9.76 -1.23
C GLN D 28 -34.85 8.71 -2.09
N ASN D 29 -34.58 7.43 -1.80
CA ASN D 29 -35.19 6.37 -2.59
C ASN D 29 -36.68 6.26 -2.34
N THR D 30 -37.14 6.53 -1.12
CA THR D 30 -38.57 6.58 -0.86
C THR D 30 -39.21 7.72 -1.62
N ALA D 31 -38.54 8.86 -1.68
CA ALA D 31 -39.03 9.97 -2.50
C ALA D 31 -39.02 9.59 -3.97
N ALA D 32 -37.89 9.07 -4.45
CA ALA D 32 -37.81 8.68 -5.86
C ALA D 32 -38.84 7.62 -6.21
N ALA D 33 -39.19 6.74 -5.26
CA ALA D 33 -40.21 5.73 -5.54
C ALA D 33 -41.57 6.35 -5.72
N LEU D 34 -41.94 7.28 -4.84
CA LEU D 34 -43.25 7.98 -4.96
C LEU D 34 -43.31 8.73 -6.31
N ALA D 35 -42.21 9.37 -6.71
CA ALA D 35 -42.25 10.19 -7.92
C ALA D 35 -42.28 9.34 -9.19
N TYR D 36 -41.63 8.18 -9.17
CA TYR D 36 -41.52 7.36 -10.36
C TYR D 36 -42.69 6.39 -10.52
N PHE D 37 -43.01 5.64 -9.45
CA PHE D 37 -44.04 4.61 -9.56
C PHE D 37 -45.44 5.17 -9.49
N PHE D 38 -45.64 6.30 -8.80
CA PHE D 38 -46.96 6.87 -8.57
C PHE D 38 -47.09 8.30 -9.09
N ASP D 39 -46.09 8.80 -9.81
CA ASP D 39 -46.17 10.10 -10.46
C ASP D 39 -46.51 11.20 -9.46
N LYS D 40 -45.98 11.08 -8.25
CA LYS D 40 -46.20 12.08 -7.22
C LYS D 40 -45.23 13.25 -7.41
N LYS D 41 -45.69 14.44 -7.02
CA LYS D 41 -44.81 15.60 -6.90
C LYS D 41 -44.23 15.60 -5.49
N VAL D 42 -42.91 15.48 -5.40
CA VAL D 42 -42.24 15.27 -4.12
C VAL D 42 -41.18 16.33 -3.94
N MET D 43 -40.98 16.73 -2.68
CA MET D 43 -39.92 17.66 -2.30
C MET D 43 -39.15 17.07 -1.13
N ILE D 44 -37.83 17.28 -1.16
CA ILE D 44 -36.94 16.90 -0.07
C ILE D 44 -36.27 18.18 0.45
N HIS D 45 -36.29 18.36 1.76
CA HIS D 45 -35.55 19.44 2.42
C HIS D 45 -34.64 18.82 3.47
N GLY D 46 -33.34 18.76 3.16
CA GLY D 46 -32.40 18.14 4.06
C GLY D 46 -32.14 19.02 5.27
N CYS D 47 -32.34 18.47 6.47
CA CYS D 47 -32.10 19.17 7.72
C CYS D 47 -31.14 18.38 8.61
N ASP D 48 -30.21 17.67 7.99
CA ASP D 48 -29.15 16.94 8.70
C ASP D 48 -27.82 17.52 8.25
N PRO D 49 -27.19 18.38 9.05
CA PRO D 49 -25.96 19.04 8.58
C PRO D 49 -24.86 18.10 8.15
N LYS D 50 -24.77 16.90 8.75
CA LYS D 50 -23.68 15.98 8.47
C LYS D 50 -24.05 14.92 7.44
N ALA D 51 -25.20 15.04 6.80
CA ALA D 51 -25.60 14.13 5.74
C ALA D 51 -26.08 14.91 4.53
N ASP D 52 -25.86 14.35 3.34
CA ASP D 52 -26.38 14.90 2.10
C ASP D 52 -27.66 14.15 1.74
N SER D 53 -28.76 14.89 1.61
CA SER D 53 -30.09 14.30 1.48
C SER D 53 -30.70 14.44 0.10
N THR D 54 -30.04 15.10 -0.84
CA THR D 54 -30.61 15.34 -2.15
C THR D 54 -29.67 15.01 -3.31
N ARG D 55 -28.40 14.73 -3.00
CA ARG D 55 -27.37 14.53 -4.06
C ARG D 55 -27.77 13.41 -5.03
N MET D 56 -28.27 12.29 -4.52
CA MET D 56 -28.58 11.18 -5.41
C MET D 56 -29.80 11.48 -6.27
N ILE D 57 -30.72 12.31 -5.79
CA ILE D 57 -31.80 12.80 -6.64
C ILE D 57 -31.25 13.77 -7.68
N LEU D 58 -30.25 14.56 -7.30
CA LEU D 58 -29.61 15.51 -8.20
C LEU D 58 -28.49 14.88 -9.01
N HIS D 59 -28.42 13.56 -9.06
CA HIS D 59 -27.47 12.85 -9.91
C HIS D 59 -26.03 13.13 -9.49
N GLY D 60 -25.75 12.88 -8.21
CA GLY D 60 -24.40 12.96 -7.68
C GLY D 60 -23.76 14.33 -7.74
N LYS D 61 -24.53 15.35 -8.08
CA LYS D 61 -24.02 16.71 -8.09
C LYS D 61 -24.44 17.40 -6.80
N PRO D 62 -23.51 17.70 -5.88
CA PRO D 62 -23.90 18.40 -4.65
C PRO D 62 -24.54 19.74 -4.97
N GLN D 63 -25.41 20.17 -4.05
CA GLN D 63 -26.16 21.44 -4.26
C GLN D 63 -25.80 22.44 -3.17
N ASP D 64 -25.76 23.71 -3.54
CA ASP D 64 -25.52 24.80 -2.59
C ASP D 64 -26.57 24.77 -1.48
N THR D 65 -26.12 24.95 -0.24
CA THR D 65 -27.00 24.91 0.91
C THR D 65 -27.56 26.30 1.20
N VAL D 66 -28.76 26.33 1.80
CA VAL D 66 -29.43 27.58 2.09
C VAL D 66 -28.55 28.47 2.96
N MET D 67 -27.98 27.90 4.02
CA MET D 67 -27.24 28.70 4.99
C MET D 67 -25.96 29.27 4.37
N ASP D 68 -25.28 28.48 3.53
CA ASP D 68 -24.08 28.98 2.87
C ASP D 68 -24.42 30.14 1.94
N VAL D 69 -25.51 30.03 1.19
CA VAL D 69 -25.91 31.10 0.28
C VAL D 69 -26.38 32.31 1.08
N LEU D 70 -27.06 32.08 2.20
CA LEU D 70 -27.54 33.19 3.02
C LEU D 70 -26.37 33.96 3.63
N ARG D 71 -25.42 33.25 4.24
CA ARG D 71 -24.31 33.92 4.91
C ARG D 71 -23.43 34.68 3.92
N GLU D 72 -23.15 34.08 2.76
N GLU D 72 -23.17 34.08 2.75
CA GLU D 72 -22.22 34.70 1.82
CA GLU D 72 -22.21 34.68 1.82
C GLU D 72 -22.84 35.88 1.10
C GLU D 72 -22.81 35.84 1.05
N GLU D 73 -24.07 35.72 0.63
CA GLU D 73 -24.69 36.72 -0.24
C GLU D 73 -25.70 37.62 0.45
N GLY D 74 -26.17 37.26 1.63
CA GLY D 74 -27.18 38.09 2.28
C GLY D 74 -28.59 37.60 2.00
N GLU D 75 -29.45 37.77 3.00
CA GLU D 75 -30.81 37.24 2.94
C GLU D 75 -31.54 37.72 1.70
N GLU D 76 -31.42 39.00 1.36
CA GLU D 76 -32.19 39.59 0.28
C GLU D 76 -31.66 39.19 -1.10
N ALA D 77 -30.53 38.50 -1.17
CA ALA D 77 -30.01 37.97 -2.42
C ALA D 77 -30.35 36.50 -2.64
N VAL D 78 -30.94 35.84 -1.63
CA VAL D 78 -31.27 34.43 -1.76
C VAL D 78 -32.49 34.29 -2.65
N THR D 79 -32.40 33.41 -3.65
CA THR D 79 -33.48 33.17 -4.59
C THR D 79 -33.71 31.66 -4.72
N LEU D 80 -34.91 31.31 -5.18
CA LEU D 80 -35.25 29.90 -5.34
C LEU D 80 -34.31 29.21 -6.32
N GLU D 81 -33.89 29.93 -7.37
CA GLU D 81 -32.98 29.35 -8.35
C GLU D 81 -31.70 28.85 -7.70
N LYS D 82 -31.26 29.49 -6.62
CA LYS D 82 -29.97 29.15 -6.01
C LYS D 82 -30.06 28.07 -4.94
N VAL D 83 -31.23 27.86 -4.34
CA VAL D 83 -31.34 26.96 -3.20
C VAL D 83 -32.32 25.81 -3.42
N ARG D 84 -33.16 25.87 -4.46
CA ARG D 84 -34.08 24.80 -4.79
C ARG D 84 -33.76 24.30 -6.19
N LYS D 85 -33.34 23.04 -6.29
CA LYS D 85 -33.03 22.42 -7.56
C LYS D 85 -34.05 21.34 -7.88
N ILE D 86 -34.11 20.98 -9.15
CA ILE D 86 -35.03 19.97 -9.65
C ILE D 86 -34.22 18.78 -10.13
N GLY D 87 -34.54 17.60 -9.62
CA GLY D 87 -33.79 16.40 -9.95
C GLY D 87 -34.63 15.34 -10.63
N PHE D 88 -34.43 14.09 -10.23
CA PHE D 88 -35.11 12.93 -10.88
C PHE D 88 -36.64 12.96 -10.69
N LYS D 89 -37.39 12.82 -11.79
CA LYS D 89 -38.88 12.84 -11.77
C LYS D 89 -39.37 14.14 -11.17
N ASP D 90 -38.65 15.24 -11.40
CA ASP D 90 -39.07 16.59 -10.96
C ASP D 90 -39.11 16.69 -9.44
N ILE D 91 -38.35 15.87 -8.75
CA ILE D 91 -38.31 16.03 -7.30
C ILE D 91 -37.58 17.32 -6.95
N LEU D 92 -38.21 18.15 -6.14
CA LEU D 92 -37.59 19.39 -5.68
C LEU D 92 -36.67 19.10 -4.50
N CYS D 93 -35.53 19.78 -4.46
CA CYS D 93 -34.48 19.49 -3.51
C CYS D 93 -33.94 20.76 -2.86
N VAL D 94 -33.75 20.71 -1.55
CA VAL D 94 -33.20 21.82 -0.78
C VAL D 94 -32.32 21.23 0.32
N GLU D 95 -31.20 21.89 0.60
CA GLU D 95 -30.28 21.49 1.66
C GLU D 95 -30.13 22.65 2.64
N SER D 96 -30.60 22.48 3.87
CA SER D 96 -30.43 23.54 4.89
C SER D 96 -28.95 23.89 5.02
N GLY D 97 -28.11 22.88 5.25
CA GLY D 97 -26.69 23.09 5.40
C GLY D 97 -26.27 23.15 6.86
N GLY D 98 -24.95 23.07 7.06
CA GLY D 98 -24.37 23.21 8.37
C GLY D 98 -24.03 24.66 8.66
N PRO D 99 -23.45 24.91 9.83
CA PRO D 99 -23.03 26.27 10.17
C PRO D 99 -21.66 26.59 9.59
N GLU D 100 -21.35 27.89 9.57
CA GLU D 100 -19.99 28.30 9.27
C GLU D 100 -19.09 27.64 10.31
N PRO D 101 -18.24 26.69 9.93
CA PRO D 101 -17.50 25.90 10.95
C PRO D 101 -16.82 26.77 11.99
N GLY D 102 -17.32 26.69 13.23
CA GLY D 102 -16.77 27.43 14.35
C GLY D 102 -17.74 28.39 15.00
N VAL D 103 -18.77 28.83 14.28
CA VAL D 103 -19.67 29.86 14.79
C VAL D 103 -21.12 29.37 14.66
N GLY D 104 -21.98 29.97 15.47
CA GLY D 104 -23.41 29.77 15.34
C GLY D 104 -23.90 28.41 15.79
N CYS D 105 -25.23 28.31 15.94
CA CYS D 105 -25.86 27.04 16.38
C CYS D 105 -26.39 26.32 15.14
N ALA D 106 -26.06 25.03 14.99
CA ALA D 106 -26.46 24.28 13.78
C ALA D 106 -27.97 24.06 13.77
N GLY D 107 -28.54 23.65 14.91
CA GLY D 107 -29.98 23.35 14.95
C GLY D 107 -30.81 24.55 14.53
N ARG D 108 -30.48 25.73 15.07
CA ARG D 108 -31.21 26.97 14.71
C ARG D 108 -30.95 27.27 13.23
N GLY D 109 -29.75 26.98 12.76
CA GLY D 109 -29.48 27.14 11.31
C GLY D 109 -30.53 26.44 10.49
N VAL D 110 -30.98 25.27 10.94
CA VAL D 110 -32.04 24.50 10.22
C VAL D 110 -33.35 25.29 10.27
N ILE D 111 -33.71 25.83 11.43
CA ILE D 111 -34.94 26.63 11.49
C ILE D 111 -34.83 27.83 10.55
N THR D 112 -33.68 28.50 10.55
CA THR D 112 -33.49 29.64 9.66
C THR D 112 -33.65 29.23 8.20
N ALA D 113 -33.11 28.07 7.83
CA ALA D 113 -33.21 27.64 6.44
C ALA D 113 -34.66 27.35 6.05
N VAL D 114 -35.43 26.71 6.95
CA VAL D 114 -36.84 26.47 6.66
C VAL D 114 -37.59 27.79 6.57
N ASP D 115 -37.40 28.67 7.56
CA ASP D 115 -38.00 29.99 7.49
C ASP D 115 -37.71 30.67 6.16
N MET D 116 -36.47 30.56 5.68
CA MET D 116 -36.09 31.21 4.43
C MET D 116 -36.87 30.64 3.25
N MET D 117 -37.06 29.31 3.22
CA MET D 117 -37.82 28.70 2.14
C MET D 117 -39.27 29.16 2.16
N ARG D 118 -39.86 29.25 3.35
CA ARG D 118 -41.23 29.79 3.44
C ARG D 118 -41.27 31.22 2.94
N GLU D 119 -40.27 32.02 3.29
CA GLU D 119 -40.23 33.40 2.82
C GLU D 119 -40.18 33.44 1.29
N LEU D 120 -39.45 32.51 0.68
CA LEU D 120 -39.38 32.40 -0.76
C LEU D 120 -40.63 31.76 -1.36
N GLU D 121 -41.61 31.40 -0.53
CA GLU D 121 -42.77 30.63 -0.98
C GLU D 121 -42.31 29.41 -1.77
N GLY D 122 -41.34 28.69 -1.21
CA GLY D 122 -40.68 27.59 -1.88
C GLY D 122 -41.26 26.22 -1.61
N TYR D 123 -42.41 26.15 -0.95
CA TYR D 123 -43.08 24.85 -0.73
C TYR D 123 -44.38 24.86 -1.53
N PRO D 124 -44.40 24.34 -2.79
CA PRO D 124 -45.60 24.45 -3.62
C PRO D 124 -46.83 23.89 -2.91
N ASP D 125 -47.98 24.53 -3.15
CA ASP D 125 -49.23 24.07 -2.58
C ASP D 125 -49.69 22.75 -3.19
N ASP D 126 -49.26 22.43 -4.41
CA ASP D 126 -49.67 21.22 -5.09
C ASP D 126 -48.72 20.05 -4.84
N LEU D 127 -47.81 20.17 -3.88
CA LEU D 127 -46.97 19.03 -3.51
C LEU D 127 -47.83 17.88 -3.04
N ASP D 128 -47.48 16.67 -3.46
CA ASP D 128 -48.10 15.47 -2.92
C ASP D 128 -47.39 15.01 -1.65
N ASN D 129 -46.06 15.14 -1.61
CA ASN D 129 -45.27 14.71 -0.45
C ASN D 129 -44.12 15.67 -0.22
N LEU D 130 -43.82 15.91 1.06
CA LEU D 130 -42.69 16.72 1.48
C LEU D 130 -41.94 15.94 2.54
N PHE D 131 -40.62 15.86 2.40
CA PHE D 131 -39.77 15.11 3.31
C PHE D 131 -38.75 16.05 3.95
N PHE D 132 -38.74 16.09 5.28
CA PHE D 132 -37.66 16.71 6.02
C PHE D 132 -36.75 15.60 6.53
N ASP D 133 -35.48 15.63 6.11
CA ASP D 133 -34.46 14.68 6.56
C ASP D 133 -33.73 15.30 7.74
N VAL D 134 -34.03 14.83 8.94
CA VAL D 134 -33.72 15.57 10.16
C VAL D 134 -32.71 14.79 11.00
N LEU D 135 -31.78 15.52 11.63
CA LEU D 135 -30.77 14.87 12.51
C LEU D 135 -31.45 14.42 13.80
N GLY D 136 -31.13 13.21 14.27
CA GLY D 136 -31.73 12.70 15.52
C GLY D 136 -30.74 11.90 16.35
N ASP D 137 -29.52 12.41 16.55
CA ASP D 137 -28.49 11.64 17.30
C ASP D 137 -27.86 12.52 18.38
N VAL D 138 -28.30 13.77 18.51
CA VAL D 138 -27.81 14.65 19.60
C VAL D 138 -29.01 15.19 20.38
N VAL D 139 -28.88 15.32 21.71
CA VAL D 139 -30.02 15.78 22.55
C VAL D 139 -29.80 17.23 22.98
N CYS D 140 -29.02 17.98 22.21
CA CYS D 140 -28.80 19.43 22.53
C CYS D 140 -30.07 20.20 22.18
N GLY D 141 -30.22 21.41 22.74
CA GLY D 141 -31.39 22.23 22.46
C GLY D 141 -31.50 22.60 20.99
N GLY D 142 -30.37 22.81 20.33
CA GLY D 142 -30.41 23.21 18.93
C GLY D 142 -31.12 22.23 18.01
N PHE D 143 -30.78 20.94 18.13
CA PHE D 143 -31.34 19.93 17.25
C PHE D 143 -32.65 19.38 17.79
N ALA D 144 -33.13 19.96 18.89
CA ALA D 144 -34.47 19.57 19.42
C ALA D 144 -35.52 20.53 18.85
N MET D 145 -35.07 21.63 18.25
CA MET D 145 -36.01 22.66 17.72
C MET D 145 -36.93 22.04 16.66
N PRO D 146 -36.45 21.25 15.68
CA PRO D 146 -37.33 20.61 14.72
C PRO D 146 -38.54 19.97 15.43
N LEU D 147 -38.30 19.32 16.57
CA LEU D 147 -39.40 18.67 17.35
C LEU D 147 -40.15 19.75 18.13
N ARG D 148 -39.46 20.62 18.87
CA ARG D 148 -40.14 21.62 19.74
C ARG D 148 -41.08 22.48 18.88
N ASP D 149 -40.71 22.77 17.63
CA ASP D 149 -41.52 23.62 16.78
C ASP D 149 -42.38 22.85 15.80
N GLY D 150 -42.39 21.52 15.87
CA GLY D 150 -43.19 20.72 14.97
C GLY D 150 -42.93 20.97 13.51
N LEU D 151 -41.66 20.93 13.10
CA LEU D 151 -41.33 21.09 11.69
C LEU D 151 -42.23 20.25 10.81
N ALA D 152 -42.48 19.00 11.22
CA ALA D 152 -43.56 18.20 10.67
C ALA D 152 -44.18 17.41 11.82
N GLN D 153 -45.50 17.23 11.76
CA GLN D 153 -46.20 16.50 12.80
C GLN D 153 -46.07 15.00 12.63
N GLU D 154 -45.99 14.52 11.39
CA GLU D 154 -45.90 13.10 11.10
C GLU D 154 -44.43 12.71 11.01
N ILE D 155 -43.96 11.92 11.98
CA ILE D 155 -42.56 11.60 12.12
C ILE D 155 -42.36 10.10 11.95
N TYR D 156 -41.30 9.73 11.24
CA TYR D 156 -40.84 8.35 11.13
C TYR D 156 -39.38 8.31 11.55
N ILE D 157 -39.01 7.27 12.28
CA ILE D 157 -37.66 7.11 12.82
C ILE D 157 -37.00 5.95 12.09
N VAL D 158 -35.82 6.21 11.52
CA VAL D 158 -35.01 5.17 10.91
C VAL D 158 -34.05 4.63 11.97
N THR D 159 -33.97 3.30 12.06
CA THR D 159 -33.07 2.65 13.00
C THR D 159 -32.58 1.35 12.37
N SER D 160 -31.70 0.66 13.09
CA SER D 160 -31.18 -0.63 12.66
C SER D 160 -31.02 -1.49 13.90
N GLY D 161 -30.63 -2.75 13.67
CA GLY D 161 -30.27 -3.61 14.77
C GLY D 161 -28.88 -3.27 15.27
N GLU D 162 -28.73 -2.10 15.86
CA GLU D 162 -27.47 -1.66 16.45
C GLU D 162 -27.78 -0.82 17.68
N MET D 163 -27.02 -1.06 18.76
CA MET D 163 -27.32 -0.38 20.06
C MET D 163 -27.52 1.13 19.86
N MET D 164 -26.52 1.84 19.32
CA MET D 164 -26.63 3.29 19.23
C MET D 164 -27.81 3.70 18.36
N ALA D 165 -28.08 2.95 17.29
CA ALA D 165 -29.20 3.29 16.41
C ALA D 165 -30.52 3.17 17.17
N LEU D 166 -30.70 2.07 17.90
CA LEU D 166 -31.90 1.92 18.72
C LEU D 166 -31.93 2.96 19.83
N TYR D 167 -30.76 3.28 20.40
CA TYR D 167 -30.70 4.26 21.47
C TYR D 167 -31.17 5.62 20.98
N ALA D 168 -30.65 6.07 19.83
CA ALA D 168 -31.10 7.35 19.28
C ALA D 168 -32.57 7.31 18.95
N ALA D 169 -33.07 6.17 18.46
CA ALA D 169 -34.48 6.07 18.09
C ALA D 169 -35.37 6.21 19.32
N ASN D 170 -34.97 5.62 20.45
CA ASN D 170 -35.74 5.76 21.67
C ASN D 170 -35.68 7.18 22.22
N ASN D 171 -34.55 7.86 22.05
CA ASN D 171 -34.46 9.25 22.50
C ASN D 171 -35.33 10.17 21.65
N ILE D 172 -35.33 9.96 20.33
CA ILE D 172 -36.23 10.72 19.47
C ILE D 172 -37.68 10.52 19.92
N ALA D 173 -38.03 9.28 20.28
CA ALA D 173 -39.38 9.01 20.75
C ALA D 173 -39.66 9.76 22.04
N LYS D 174 -38.66 9.92 22.91
CA LYS D 174 -38.85 10.72 24.12
C LYS D 174 -39.21 12.16 23.75
N GLY D 175 -38.45 12.75 22.82
CA GLY D 175 -38.76 14.11 22.40
C GLY D 175 -40.15 14.23 21.83
N ILE D 176 -40.58 13.23 21.05
CA ILE D 176 -41.92 13.26 20.48
C ILE D 176 -42.97 13.28 21.58
N LEU D 177 -42.79 12.46 22.61
CA LEU D 177 -43.75 12.44 23.71
C LEU D 177 -43.67 13.72 24.52
N LYS D 178 -42.48 14.29 24.67
CA LYS D 178 -42.32 15.48 25.48
C LYS D 178 -43.07 16.67 24.87
N TYR D 179 -43.03 16.80 23.54
CA TYR D 179 -43.61 17.94 22.85
C TYR D 179 -44.91 17.60 22.13
N ALA D 180 -45.49 16.42 22.41
CA ALA D 180 -46.70 16.02 21.69
C ALA D 180 -47.81 17.04 21.85
N GLU D 181 -48.05 17.50 23.09
CA GLU D 181 -49.14 18.44 23.32
C GLU D 181 -48.76 19.86 22.89
N GLN D 182 -47.48 20.19 22.89
CA GLN D 182 -47.03 21.55 22.68
C GLN D 182 -46.86 21.88 21.21
N SER D 183 -46.36 20.93 20.41
CA SER D 183 -46.16 21.13 18.99
C SER D 183 -47.03 20.22 18.12
N GLY D 184 -47.62 19.18 18.68
CA GLY D 184 -48.47 18.28 17.93
C GLY D 184 -47.73 17.18 17.20
N VAL D 185 -46.47 16.94 17.53
CA VAL D 185 -45.70 15.90 16.86
C VAL D 185 -46.21 14.54 17.30
N ARG D 186 -46.18 13.59 16.36
CA ARG D 186 -46.61 12.22 16.61
C ARG D 186 -45.69 11.28 15.87
N LEU D 187 -45.69 10.01 16.29
CA LEU D 187 -44.87 8.97 15.67
C LEU D 187 -45.74 8.17 14.72
N GLY D 188 -45.43 8.25 13.42
CA GLY D 188 -46.11 7.38 12.46
C GLY D 188 -45.60 5.97 12.49
N GLY D 189 -44.34 5.77 12.83
CA GLY D 189 -43.80 4.45 13.02
C GLY D 189 -42.31 4.44 12.75
N ILE D 190 -41.76 3.22 12.73
CA ILE D 190 -40.33 2.99 12.66
C ILE D 190 -39.99 2.39 11.30
N ILE D 191 -38.87 2.82 10.73
CA ILE D 191 -38.29 2.22 9.54
C ILE D 191 -36.99 1.56 9.97
N CYS D 192 -36.81 0.29 9.60
CA CYS D 192 -35.60 -0.44 9.92
C CYS D 192 -34.71 -0.50 8.69
N ASN D 193 -33.56 0.16 8.75
CA ASN D 193 -32.51 0.02 7.74
C ASN D 193 -31.65 -1.15 8.16
N ALA D 194 -31.87 -2.31 7.54
CA ALA D 194 -31.28 -3.55 8.02
C ALA D 194 -29.75 -3.47 8.05
N ARG D 195 -29.17 -3.88 9.18
CA ARG D 195 -27.75 -4.16 9.28
C ARG D 195 -27.43 -5.63 9.10
N ASN D 196 -28.46 -6.50 9.12
CA ASN D 196 -28.32 -7.94 8.92
C ASN D 196 -27.64 -8.61 10.10
N VAL D 197 -28.21 -8.41 11.28
CA VAL D 197 -27.84 -9.15 12.47
C VAL D 197 -28.91 -10.21 12.71
N ASP D 198 -28.54 -11.25 13.44
CA ASP D 198 -29.45 -12.37 13.66
C ASP D 198 -30.65 -11.89 14.49
N GLY D 199 -31.85 -12.27 14.04
CA GLY D 199 -33.06 -11.89 14.73
C GLY D 199 -33.37 -10.40 14.71
N GLU D 200 -32.93 -9.70 13.66
CA GLU D 200 -33.15 -8.26 13.60
C GLU D 200 -34.64 -7.94 13.51
N LYS D 201 -35.38 -8.69 12.71
CA LYS D 201 -36.82 -8.42 12.53
C LYS D 201 -37.54 -8.63 13.87
N GLU D 202 -37.28 -9.72 14.56
CA GLU D 202 -37.87 -9.93 15.87
C GLU D 202 -37.44 -8.83 16.84
N LEU D 203 -36.16 -8.47 16.81
CA LEU D 203 -35.67 -7.34 17.58
C LEU D 203 -36.47 -6.08 17.24
N MET D 204 -36.70 -5.84 15.95
CA MET D 204 -37.45 -4.67 15.53
C MET D 204 -38.89 -4.72 16.03
N ASP D 205 -39.56 -5.86 15.85
CA ASP D 205 -40.95 -5.97 16.25
C ASP D 205 -41.11 -5.69 17.75
N GLU D 206 -40.18 -6.16 18.57
CA GLU D 206 -40.29 -5.95 20.00
C GLU D 206 -40.08 -4.50 20.36
N PHE D 207 -39.11 -3.84 19.72
CA PHE D 207 -38.89 -2.42 19.95
C PHE D 207 -40.13 -1.61 19.59
N CYS D 208 -40.71 -1.88 18.42
CA CYS D 208 -41.92 -1.17 18.02
C CYS D 208 -43.06 -1.45 18.99
N ASP D 209 -43.21 -2.72 19.41
CA ASP D 209 -44.31 -3.07 20.31
C ASP D 209 -44.19 -2.32 21.63
N LYS D 210 -42.98 -2.29 22.20
CA LYS D 210 -42.75 -1.58 23.48
C LYS D 210 -43.07 -0.08 23.30
N LEU D 211 -42.74 0.46 22.13
CA LEU D 211 -42.98 1.88 21.87
C LEU D 211 -44.43 2.19 21.52
N GLY D 212 -45.26 1.17 21.31
CA GLY D 212 -46.63 1.40 20.93
C GLY D 212 -46.81 1.90 19.51
N THR D 213 -45.82 1.66 18.65
CA THR D 213 -45.83 2.13 17.28
C THR D 213 -45.56 0.94 16.36
N LYS D 214 -45.86 1.10 15.08
CA LYS D 214 -45.71 0.00 14.14
C LYS D 214 -44.43 0.16 13.33
N LEU D 215 -43.88 -0.98 12.92
CA LEU D 215 -42.78 -1.02 11.96
C LEU D 215 -43.35 -0.81 10.57
N ILE D 216 -43.10 0.38 10.01
CA ILE D 216 -43.66 0.72 8.67
C ILE D 216 -43.07 -0.23 7.62
N HIS D 217 -41.76 -0.41 7.63
CA HIS D 217 -41.12 -1.32 6.69
C HIS D 217 -39.72 -1.67 7.16
N TYR D 218 -39.28 -2.86 6.75
CA TYR D 218 -37.94 -3.37 6.99
C TYR D 218 -37.18 -3.27 5.67
N VAL D 219 -36.19 -2.40 5.62
CA VAL D 219 -35.48 -2.08 4.37
C VAL D 219 -34.22 -2.96 4.33
N PRO D 220 -34.12 -3.90 3.40
CA PRO D 220 -32.97 -4.81 3.40
C PRO D 220 -31.68 -4.12 2.99
N ARG D 221 -30.56 -4.77 3.34
CA ARG D 221 -29.24 -4.33 2.91
C ARG D 221 -28.93 -5.00 1.58
N ASP D 222 -28.76 -4.20 0.53
CA ASP D 222 -28.62 -4.72 -0.82
C ASP D 222 -27.49 -4.00 -1.54
N ASN D 223 -26.54 -4.77 -2.07
CA ASN D 223 -25.41 -4.19 -2.78
C ASN D 223 -25.83 -3.29 -3.94
N ILE D 224 -27.03 -3.49 -4.49
CA ILE D 224 -27.45 -2.68 -5.63
C ILE D 224 -27.50 -1.21 -5.26
N VAL D 225 -27.66 -0.90 -3.97
CA VAL D 225 -27.63 0.50 -3.54
C VAL D 225 -26.29 1.13 -3.88
N GLN D 226 -25.20 0.46 -3.50
CA GLN D 226 -23.88 1.01 -3.75
C GLN D 226 -23.56 1.03 -5.24
N LYS D 227 -24.08 0.06 -5.99
CA LYS D 227 -23.94 0.07 -7.44
C LYS D 227 -24.57 1.33 -8.03
N ALA D 228 -25.84 1.57 -7.71
CA ALA D 228 -26.51 2.77 -8.18
C ALA D 228 -25.84 4.03 -7.64
N GLU D 229 -25.39 3.97 -6.39
CA GLU D 229 -24.76 5.16 -5.76
C GLU D 229 -23.47 5.49 -6.54
N PHE D 230 -22.82 4.49 -7.13
CA PHE D 230 -21.61 4.70 -7.90
C PHE D 230 -21.90 5.34 -9.26
N ASN D 231 -23.16 5.36 -9.69
CA ASN D 231 -23.56 5.97 -10.95
C ASN D 231 -24.38 7.24 -10.73
N LYS D 232 -24.16 7.93 -9.62
CA LYS D 232 -24.86 9.17 -9.31
C LYS D 232 -26.37 8.97 -9.49
N MET D 233 -26.92 8.01 -8.75
CA MET D 233 -28.28 7.58 -8.99
C MET D 233 -28.87 6.93 -7.75
N THR D 234 -30.17 7.17 -7.52
CA THR D 234 -30.92 6.35 -6.61
C THR D 234 -31.08 4.94 -7.20
N VAL D 235 -31.54 4.01 -6.36
CA VAL D 235 -31.88 2.68 -6.85
C VAL D 235 -33.04 2.75 -7.82
N ILE D 236 -34.00 3.63 -7.55
CA ILE D 236 -35.19 3.74 -8.39
C ILE D 236 -34.80 4.12 -9.81
N GLU D 237 -33.91 5.10 -9.95
CA GLU D 237 -33.49 5.53 -11.28
C GLU D 237 -32.57 4.50 -11.93
N PHE D 238 -31.68 3.89 -11.14
CA PHE D 238 -30.72 2.95 -11.71
C PHE D 238 -31.45 1.75 -12.33
N ASP D 239 -32.35 1.14 -11.59
CA ASP D 239 -33.03 -0.06 -12.04
C ASP D 239 -34.34 -0.23 -11.29
N PRO D 240 -35.44 0.35 -11.79
CA PRO D 240 -36.70 0.29 -11.04
C PRO D 240 -37.31 -1.10 -10.92
N GLU D 241 -36.71 -2.12 -11.55
CA GLU D 241 -37.29 -3.45 -11.56
C GLU D 241 -36.67 -4.40 -10.54
N CYS D 242 -35.56 -4.01 -9.89
CA CYS D 242 -34.96 -4.90 -8.91
C CYS D 242 -35.81 -4.94 -7.65
N ASN D 243 -35.59 -5.99 -6.85
CA ASN D 243 -36.33 -6.16 -5.61
C ASN D 243 -36.18 -4.94 -4.71
N GLN D 244 -34.97 -4.41 -4.60
CA GLN D 244 -34.73 -3.30 -3.68
C GLN D 244 -35.58 -2.08 -4.06
N ALA D 245 -35.74 -1.82 -5.36
CA ALA D 245 -36.62 -0.74 -5.77
C ALA D 245 -38.05 -1.02 -5.36
N LYS D 246 -38.41 -2.31 -5.35
CA LYS D 246 -39.77 -2.72 -4.90
C LYS D 246 -39.87 -2.49 -3.39
N GLU D 247 -38.75 -2.71 -2.67
CA GLU D 247 -38.76 -2.49 -1.22
C GLU D 247 -39.04 -1.03 -0.89
N TYR D 248 -38.41 -0.09 -1.61
CA TYR D 248 -38.67 1.32 -1.37
C TYR D 248 -40.08 1.72 -1.82
N ARG D 249 -40.59 1.10 -2.88
CA ARG D 249 -41.96 1.34 -3.29
C ARG D 249 -42.94 0.89 -2.22
N THR D 250 -42.72 -0.28 -1.64
CA THR D 250 -43.59 -0.73 -0.55
C THR D 250 -43.46 0.19 0.66
N LEU D 251 -42.26 0.71 0.90
CA LEU D 251 -42.06 1.66 2.03
C LEU D 251 -42.85 2.95 1.75
N ALA D 252 -42.77 3.45 0.51
CA ALA D 252 -43.47 4.71 0.14
C ALA D 252 -44.99 4.51 0.26
N LYS D 253 -45.49 3.36 -0.20
CA LYS D 253 -46.95 3.07 -0.11
C LYS D 253 -47.35 3.02 1.37
N ASN D 254 -46.54 2.34 2.19
CA ASN D 254 -46.92 2.21 3.61
C ASN D 254 -46.97 3.56 4.29
N ILE D 255 -46.01 4.44 4.01
CA ILE D 255 -46.06 5.79 4.58
C ILE D 255 -47.29 6.52 4.09
N ASP D 256 -47.51 6.51 2.78
CA ASP D 256 -48.66 7.25 2.18
C ASP D 256 -49.98 6.73 2.78
N GLU D 257 -50.09 5.43 3.00
CA GLU D 257 -51.37 4.84 3.49
C GLU D 257 -51.45 4.85 5.03
N ASN D 258 -50.34 5.15 5.71
CA ASN D 258 -50.37 5.09 7.17
C ASN D 258 -51.22 6.21 7.73
N ASP D 259 -52.18 5.85 8.58
CA ASP D 259 -53.04 6.83 9.24
C ASP D 259 -52.91 6.79 10.76
N GLU D 260 -51.93 6.06 11.29
CA GLU D 260 -51.75 5.92 12.74
C GLU D 260 -50.71 6.91 13.21
N LEU D 261 -51.13 7.88 14.03
CA LEU D 261 -50.24 8.86 14.65
C LEU D 261 -50.35 8.69 16.15
N VAL D 262 -49.30 8.15 16.77
CA VAL D 262 -49.35 7.75 18.17
C VAL D 262 -48.45 8.65 19.00
N LYS D 263 -48.73 8.69 20.30
CA LYS D 263 -47.77 9.16 21.29
C LYS D 263 -46.96 7.95 21.71
N PRO D 264 -45.66 7.88 21.42
CA PRO D 264 -44.89 6.69 21.78
C PRO D 264 -44.74 6.53 23.29
N THR D 265 -44.43 5.30 23.69
CA THR D 265 -44.10 4.96 25.07
C THR D 265 -42.63 4.57 25.10
N PRO D 266 -41.70 5.52 25.24
CA PRO D 266 -40.29 5.19 25.14
C PRO D 266 -39.87 4.17 26.20
N MET D 267 -38.83 3.41 25.88
CA MET D 267 -38.31 2.43 26.81
C MET D 267 -37.36 3.09 27.82
N THR D 268 -37.26 2.48 28.99
CA THR D 268 -36.25 2.87 29.94
C THR D 268 -34.89 2.30 29.51
N MET D 269 -33.83 2.76 30.17
CA MET D 269 -32.50 2.31 29.79
C MET D 269 -32.30 0.84 30.15
N ASP D 270 -32.87 0.38 31.26
CA ASP D 270 -32.81 -1.04 31.59
C ASP D 270 -33.53 -1.86 30.52
N GLU D 271 -34.78 -1.52 30.23
CA GLU D 271 -35.53 -2.22 29.19
C GLU D 271 -34.75 -2.23 27.88
N LEU D 272 -34.08 -1.12 27.56
CA LEU D 272 -33.31 -1.03 26.30
C LEU D 272 -32.14 -2.02 26.33
N GLU D 273 -31.33 -1.98 27.38
CA GLU D 273 -30.14 -2.88 27.48
C GLU D 273 -30.63 -4.34 27.50
N GLU D 274 -31.67 -4.62 28.28
CA GLU D 274 -32.22 -6.00 28.32
C GLU D 274 -32.46 -6.48 26.88
N LEU D 275 -33.13 -5.65 26.07
CA LEU D 275 -33.46 -6.05 24.67
C LEU D 275 -32.18 -6.30 23.87
N VAL D 276 -31.25 -5.35 23.88
CA VAL D 276 -29.97 -5.48 23.12
C VAL D 276 -29.33 -6.82 23.50
N VAL D 277 -29.17 -7.06 24.80
CA VAL D 277 -28.49 -8.29 25.30
C VAL D 277 -29.26 -9.51 24.78
N LYS D 278 -30.59 -9.50 24.89
CA LYS D 278 -31.37 -10.65 24.48
C LYS D 278 -30.97 -11.10 23.08
N TYR D 279 -30.69 -10.15 22.19
CA TYR D 279 -30.26 -10.44 20.82
C TYR D 279 -28.75 -10.34 20.66
N GLY D 280 -28.00 -10.29 21.76
CA GLY D 280 -26.55 -10.27 21.69
C GLY D 280 -26.00 -9.20 20.77
N LEU D 281 -26.65 -8.04 20.73
CA LEU D 281 -26.23 -6.97 19.84
C LEU D 281 -25.33 -5.98 20.59
#